data_1H2B
#
_entry.id   1H2B
#
_cell.length_a   100.661
_cell.length_b   103.186
_cell.length_c   67.521
_cell.angle_alpha   90.00
_cell.angle_beta   90.00
_cell.angle_gamma   90.00
#
_symmetry.space_group_name_H-M   'P 21 21 2'
#
loop_
_entity.id
_entity.type
_entity.pdbx_description
1 polymer 'ALCOHOL DEHYDROGENASE'
2 non-polymer 'OCTANOIC ACID (CAPRYLIC ACID)'
3 non-polymer 'NICOTINAMIDE-ADENINE-DINUCLEOTIDE (ACIDIC FORM)'
4 non-polymer 'ZINC ION'
5 water water
#
_entity_poly.entity_id   1
_entity_poly.type   'polypeptide(L)'
_entity_poly.pdbx_seq_one_letter_code
;MRIEQDFSQSLGVERLKAARLHEYNKPLRIEDVDYPRLEGRFDVIVRIAGAGVCHTDLHLVQGMWHELLQPKLPYTLGHE
NVGYIEEVAEGVEGLEKGDPVILHPAVTDGTCLACRAGEDMHCENLEFPGLNIDGGFAEFMRTSHRSVIKLPKDISREKL
VEMAPLADAGITAYRAVKKAARTLYPGAYVAIVGVGGLGHIAVQLLKVMTPATVIALDVKEEKLKLAERLGADHVVDARR
DPVKQVMELTRGRGVNVAMDFVGSQATVDYTPYLLGRMGRLIIVGYGGELRFPTIRVISSEVSFEGSLVGNYVELHELVT
LALQGKVRVEVDIHKLDEINDVLERLEKGEVLGRAVLIP
;
_entity_poly.pdbx_strand_id   A,B
#
loop_
_chem_comp.id
_chem_comp.type
_chem_comp.name
_chem_comp.formula
NAJ non-polymer 'NICOTINAMIDE-ADENINE-DINUCLEOTIDE (ACIDIC FORM)' 'C21 H27 N7 O14 P2'
OCA non-polymer 'OCTANOIC ACID (CAPRYLIC ACID)' 'C8 H16 O2'
ZN non-polymer 'ZINC ION' 'Zn 2'
#
# COMPACT_ATOMS: atom_id res chain seq x y z
N LYS A 17 -31.63 22.00 2.14
CA LYS A 17 -30.77 23.08 1.54
C LYS A 17 -29.42 22.57 1.00
N ALA A 18 -28.96 23.21 -0.09
CA ALA A 18 -27.72 22.85 -0.78
C ALA A 18 -27.27 23.97 -1.73
N ALA A 19 -25.94 24.07 -1.93
CA ALA A 19 -25.36 25.00 -2.89
C ALA A 19 -24.93 24.31 -4.17
N ARG A 20 -25.59 24.63 -5.29
CA ARG A 20 -25.41 23.84 -6.52
C ARG A 20 -24.96 24.62 -7.72
N LEU A 21 -24.10 23.99 -8.52
CA LEU A 21 -23.61 24.56 -9.77
C LEU A 21 -24.58 24.13 -10.87
N HIS A 22 -25.36 25.11 -11.36
CA HIS A 22 -26.27 24.91 -12.50
C HIS A 22 -25.57 25.39 -13.76
N GLU A 23 -24.86 26.51 -13.67
CA GLU A 23 -24.13 27.09 -14.79
C GLU A 23 -22.75 27.55 -14.38
N TYR A 24 -21.82 27.45 -15.33
CA TYR A 24 -20.44 27.86 -15.11
C TYR A 24 -20.30 29.37 -15.13
N ASN A 25 -19.38 29.90 -14.34
CA ASN A 25 -19.16 31.36 -14.25
C ASN A 25 -20.38 32.13 -13.74
N LYS A 26 -21.23 31.45 -13.00
CA LYS A 26 -22.35 32.07 -12.30
C LYS A 26 -22.21 31.76 -10.82
N PRO A 27 -22.87 32.53 -9.97
CA PRO A 27 -22.99 32.18 -8.55
C PRO A 27 -23.63 30.79 -8.40
N LEU A 28 -23.26 30.06 -7.35
CA LEU A 28 -24.00 28.84 -7.01
C LEU A 28 -25.41 29.23 -6.53
N ARG A 29 -26.37 28.35 -6.79
CA ARG A 29 -27.75 28.55 -6.34
C ARG A 29 -27.96 27.86 -5.01
N ILE A 30 -28.46 28.61 -4.04
CA ILE A 30 -28.77 28.05 -2.72
C ILE A 30 -30.26 27.73 -2.74
N GLU A 31 -30.57 26.43 -2.64
CA GLU A 31 -31.93 25.95 -2.88
C GLU A 31 -32.23 24.65 -2.13
N ASP A 32 -33.47 24.20 -2.24
CA ASP A 32 -33.90 22.93 -1.66
C ASP A 32 -33.53 21.78 -2.59
N VAL A 33 -33.01 20.69 -2.01
CA VAL A 33 -32.77 19.44 -2.75
C VAL A 33 -33.43 18.31 -1.99
N ASP A 34 -33.63 17.17 -2.64
CA ASP A 34 -34.13 15.99 -1.94
C ASP A 34 -33.05 15.47 -0.99
N TYR A 35 -33.50 14.87 0.12
CA TYR A 35 -32.66 14.05 0.98
C TYR A 35 -31.91 13.00 0.16
N PRO A 36 -30.64 12.75 0.46
CA PRO A 36 -29.87 11.76 -0.33
C PRO A 36 -30.42 10.34 -0.22
N ARG A 37 -30.21 9.56 -1.27
CA ARG A 37 -30.66 8.18 -1.37
C ARG A 37 -29.52 7.19 -1.06
N LEU A 38 -29.75 6.23 -0.17
CA LEU A 38 -28.82 5.10 -0.07
C LEU A 38 -28.99 4.27 -1.33
N GLU A 39 -27.88 4.00 -2.04
CA GLU A 39 -27.90 3.39 -3.36
C GLU A 39 -26.49 3.01 -3.81
N GLY A 40 -26.33 1.85 -4.42
CA GLY A 40 -25.05 1.51 -5.04
C GLY A 40 -23.94 1.54 -4.00
N ARG A 41 -22.83 2.19 -4.34
CA ARG A 41 -21.69 2.31 -3.41
C ARG A 41 -21.94 3.30 -2.26
N PHE A 42 -23.06 4.03 -2.31
CA PHE A 42 -23.39 5.02 -1.28
C PHE A 42 -24.22 4.45 -0.13
N ASP A 43 -23.53 3.95 0.89
CA ASP A 43 -24.18 3.26 2.00
C ASP A 43 -24.15 4.03 3.34
N VAL A 44 -23.75 5.30 3.29
CA VAL A 44 -23.76 6.14 4.48
C VAL A 44 -24.31 7.51 4.12
N ILE A 45 -25.20 8.02 4.96
CA ILE A 45 -25.63 9.41 4.83
C ILE A 45 -25.12 10.18 6.04
N VAL A 46 -24.44 11.29 5.77
CA VAL A 46 -23.87 12.10 6.83
C VAL A 46 -24.64 13.40 6.95
N ARG A 47 -24.89 13.81 8.19
CA ARG A 47 -25.38 15.15 8.50
C ARG A 47 -24.14 16.03 8.60
N ILE A 48 -24.00 16.96 7.66
CA ILE A 48 -22.81 17.83 7.58
C ILE A 48 -22.71 18.79 8.77
N ALA A 49 -21.52 18.84 9.39
CA ALA A 49 -21.23 19.79 10.44
C ALA A 49 -20.41 20.94 9.90
N GLY A 50 -19.51 20.63 8.99
CA GLY A 50 -18.60 21.63 8.46
C GLY A 50 -18.18 21.23 7.07
N ALA A 51 -18.19 22.19 6.14
CA ALA A 51 -17.84 21.91 4.76
C ALA A 51 -16.84 22.97 4.33
N GLY A 52 -15.58 22.57 4.16
CA GLY A 52 -14.52 23.48 3.71
C GLY A 52 -14.73 23.98 2.29
N VAL A 53 -14.29 25.21 2.02
CA VAL A 53 -14.38 25.77 0.66
C VAL A 53 -12.96 25.82 0.09
N CYS A 54 -12.77 25.18 -1.06
CA CYS A 54 -11.45 25.00 -1.62
C CYS A 54 -11.25 25.88 -2.86
N HIS A 55 -10.03 26.26 -3.18
CA HIS A 55 -9.82 26.98 -4.43
C HIS A 55 -10.26 26.12 -5.63
N THR A 56 -10.27 24.82 -5.49
CA THR A 56 -10.79 23.94 -6.56
C THR A 56 -12.23 24.28 -6.89
N ASP A 57 -12.97 24.74 -5.88
CA ASP A 57 -14.39 25.13 -6.07
C ASP A 57 -14.45 26.32 -7.04
N LEU A 58 -13.50 27.24 -6.94
CA LEU A 58 -13.45 28.34 -7.94
C LEU A 58 -13.16 27.80 -9.32
N HIS A 59 -12.21 26.87 -9.40
CA HIS A 59 -11.86 26.28 -10.68
C HIS A 59 -13.04 25.53 -11.26
N LEU A 60 -13.80 24.86 -10.40
CA LEU A 60 -15.00 24.12 -10.83
C LEU A 60 -16.02 25.08 -11.45
N VAL A 61 -16.34 26.14 -10.73
CA VAL A 61 -17.28 27.13 -11.25
C VAL A 61 -16.80 27.72 -12.57
N GLN A 62 -15.50 27.95 -12.70
CA GLN A 62 -14.88 28.47 -13.92
C GLN A 62 -14.93 27.50 -15.11
N GLY A 63 -15.23 26.22 -14.84
CA GLY A 63 -15.32 25.20 -15.88
C GLY A 63 -14.07 24.39 -16.15
N MET A 64 -13.04 24.60 -15.34
CA MET A 64 -11.73 24.00 -15.57
C MET A 64 -11.75 22.48 -15.65
N TRP A 65 -12.71 21.87 -14.98
CA TRP A 65 -12.80 20.42 -14.89
C TRP A 65 -13.83 19.81 -15.86
N HIS A 66 -14.49 20.66 -16.64
CA HIS A 66 -15.54 20.19 -17.56
C HIS A 66 -15.03 19.11 -18.53
N GLU A 67 -13.90 19.40 -19.19
CA GLU A 67 -13.31 18.51 -20.20
C GLU A 67 -12.95 17.17 -19.62
N LEU A 68 -12.28 17.18 -18.47
CA LEU A 68 -11.77 15.95 -17.85
C LEU A 68 -12.82 15.16 -17.06
N LEU A 69 -13.87 15.84 -16.59
CA LEU A 69 -14.81 15.22 -15.65
C LEU A 69 -16.22 15.01 -16.21
N GLN A 70 -16.65 15.91 -17.09
CA GLN A 70 -17.96 15.86 -17.77
C GLN A 70 -19.16 15.50 -16.86
N PRO A 71 -19.35 16.23 -15.75
CA PRO A 71 -20.38 15.86 -14.77
C PRO A 71 -21.77 16.35 -15.18
N LYS A 72 -22.80 15.69 -14.68
CA LYS A 72 -24.18 16.12 -14.91
C LYS A 72 -24.53 17.32 -14.04
N LEU A 73 -25.08 18.37 -14.66
CA LEU A 73 -25.58 19.54 -13.93
C LEU A 73 -27.09 19.45 -13.71
N PRO A 74 -27.59 19.98 -12.60
CA PRO A 74 -26.77 20.61 -11.56
C PRO A 74 -26.18 19.57 -10.62
N TYR A 75 -25.22 19.98 -9.81
CA TYR A 75 -24.80 19.13 -8.68
C TYR A 75 -24.29 20.02 -7.58
N THR A 76 -24.29 19.47 -6.36
CA THR A 76 -23.93 20.18 -5.14
C THR A 76 -22.42 20.12 -5.02
N LEU A 77 -21.76 21.25 -4.75
CA LEU A 77 -20.29 21.26 -4.52
C LEU A 77 -20.00 20.91 -3.07
N GLY A 78 -18.71 20.79 -2.76
CA GLY A 78 -18.21 20.63 -1.39
C GLY A 78 -17.52 19.28 -1.16
N HIS A 79 -16.18 19.28 -1.10
CA HIS A 79 -15.46 17.97 -1.00
C HIS A 79 -14.56 17.87 0.25
N GLU A 80 -14.83 18.75 1.21
CA GLU A 80 -14.00 18.86 2.42
C GLU A 80 -14.86 18.81 3.67
N ASN A 81 -15.24 17.59 4.04
CA ASN A 81 -16.42 17.42 4.89
C ASN A 81 -16.23 16.66 6.18
N VAL A 82 -16.81 17.23 7.23
CA VAL A 82 -16.98 16.55 8.52
C VAL A 82 -18.44 16.60 8.92
N GLY A 83 -18.83 15.68 9.77
CA GLY A 83 -20.23 15.68 10.19
C GLY A 83 -20.51 14.52 11.12
N TYR A 84 -21.78 14.16 11.17
CA TYR A 84 -22.23 13.09 12.04
C TYR A 84 -22.97 12.10 11.19
N ILE A 85 -22.81 10.82 11.50
CA ILE A 85 -23.56 9.80 10.80
C ILE A 85 -25.04 10.08 10.99
N GLU A 86 -25.81 10.03 9.91
CA GLU A 86 -27.26 10.17 10.04
C GLU A 86 -27.93 8.80 9.93
N GLU A 87 -27.50 8.01 8.95
CA GLU A 87 -28.16 6.77 8.57
C GLU A 87 -27.12 5.94 7.85
N VAL A 88 -27.17 4.61 7.98
CA VAL A 88 -26.27 3.75 7.21
C VAL A 88 -27.06 2.55 6.68
N ALA A 89 -26.63 1.97 5.55
CA ALA A 89 -27.26 0.74 5.04
C ALA A 89 -27.08 -0.44 6.02
N GLU A 90 -28.01 -1.39 5.97
CA GLU A 90 -27.83 -2.64 6.70
C GLU A 90 -26.53 -3.31 6.23
N GLY A 91 -25.75 -3.79 7.20
CA GLY A 91 -24.48 -4.39 6.86
C GLY A 91 -23.31 -3.45 7.05
N VAL A 92 -23.56 -2.14 7.12
CA VAL A 92 -22.48 -1.19 7.47
C VAL A 92 -22.19 -1.36 8.95
N GLU A 93 -20.95 -1.71 9.27
CA GLU A 93 -20.56 -1.96 10.65
C GLU A 93 -19.83 -0.78 11.32
N GLY A 94 -20.03 -0.63 12.62
CA GLY A 94 -19.25 0.29 13.44
C GLY A 94 -19.64 1.75 13.33
N LEU A 95 -20.79 2.02 12.71
CA LEU A 95 -21.33 3.37 12.52
C LEU A 95 -22.80 3.50 12.94
N GLU A 96 -23.02 4.31 13.97
CA GLU A 96 -24.36 4.61 14.48
C GLU A 96 -24.69 6.08 14.28
N LYS A 97 -26.00 6.39 14.24
CA LYS A 97 -26.46 7.78 14.15
C LYS A 97 -25.82 8.61 15.26
N GLY A 98 -25.23 9.74 14.89
CA GLY A 98 -24.62 10.64 15.84
C GLY A 98 -23.10 10.57 15.92
N ASP A 99 -22.50 9.51 15.37
CA ASP A 99 -21.05 9.33 15.42
C ASP A 99 -20.37 10.42 14.61
N PRO A 100 -19.45 11.15 15.22
CA PRO A 100 -18.71 12.20 14.49
C PRO A 100 -17.67 11.60 13.54
N VAL A 101 -17.58 12.17 12.33
CA VAL A 101 -16.75 11.55 11.31
C VAL A 101 -16.12 12.61 10.44
N ILE A 102 -14.98 12.25 9.88
CA ILE A 102 -14.39 13.01 8.79
C ILE A 102 -14.40 12.13 7.55
N LEU A 103 -14.55 12.75 6.39
CA LEU A 103 -14.73 11.97 5.17
C LEU A 103 -13.53 12.10 4.24
N HIS A 104 -12.91 10.96 3.89
CA HIS A 104 -11.95 11.00 2.81
C HIS A 104 -12.75 11.39 1.57
N PRO A 105 -12.23 12.29 0.73
CA PRO A 105 -13.05 12.80 -0.39
C PRO A 105 -13.26 11.82 -1.54
N ALA A 106 -12.51 10.73 -1.63
CA ALA A 106 -12.71 9.77 -2.71
C ALA A 106 -13.64 8.64 -2.25
N VAL A 107 -14.56 8.23 -3.12
CA VAL A 107 -15.38 7.07 -2.86
C VAL A 107 -14.86 5.97 -3.81
N THR A 108 -14.37 4.85 -3.27
CA THR A 108 -13.58 3.89 -4.06
C THR A 108 -14.03 2.48 -3.76
N ASP A 109 -13.74 1.56 -4.69
CA ASP A 109 -14.18 0.17 -4.57
C ASP A 109 -13.38 -0.72 -3.61
N GLY A 110 -12.08 -0.49 -3.53
CA GLY A 110 -11.20 -1.32 -2.72
C GLY A 110 -10.81 -2.61 -3.42
N THR A 111 -11.22 -2.76 -4.68
CA THR A 111 -11.02 -4.03 -5.40
C THR A 111 -9.92 -3.98 -6.46
N CYS A 112 -9.79 -2.84 -7.15
CA CYS A 112 -8.76 -2.75 -8.20
C CYS A 112 -7.37 -2.73 -7.55
N LEU A 113 -6.35 -2.84 -8.39
CA LEU A 113 -4.97 -3.02 -7.97
C LEU A 113 -4.42 -1.84 -7.21
N ALA A 114 -4.89 -0.63 -7.55
CA ALA A 114 -4.40 0.56 -6.87
C ALA A 114 -4.92 0.60 -5.49
N CYS A 115 -6.18 0.24 -5.35
CA CYS A 115 -6.82 0.11 -4.09
C CYS A 115 -6.15 -0.97 -3.27
N ARG A 116 -5.77 -2.09 -3.90
CA ARG A 116 -5.12 -3.19 -3.17
C ARG A 116 -3.74 -2.80 -2.74
N ALA A 117 -3.24 -1.73 -3.35
CA ALA A 117 -1.96 -1.21 -2.95
C ALA A 117 -2.09 -0.06 -1.95
N GLY A 118 -3.33 0.38 -1.66
CA GLY A 118 -3.58 1.46 -0.72
C GLY A 118 -3.68 2.85 -1.31
N GLU A 119 -3.73 2.95 -2.64
CA GLU A 119 -3.72 4.31 -3.27
C GLU A 119 -5.10 4.74 -3.73
N ASP A 120 -5.89 5.27 -2.80
CA ASP A 120 -7.31 5.56 -3.05
C ASP A 120 -7.48 6.43 -4.28
N MET A 121 -6.56 7.37 -4.53
CA MET A 121 -6.82 8.33 -5.60
C MET A 121 -6.56 7.75 -6.95
N HIS A 122 -6.04 6.53 -6.98
CA HIS A 122 -5.74 5.86 -8.27
C HIS A 122 -6.66 4.70 -8.54
N CYS A 123 -7.71 4.63 -7.76
CA CYS A 123 -8.72 3.60 -7.93
C CYS A 123 -9.48 3.80 -9.22
N GLU A 124 -9.69 2.68 -9.91
CA GLU A 124 -10.20 2.68 -11.27
C GLU A 124 -11.64 3.09 -11.38
N ASN A 125 -12.40 3.00 -10.28
CA ASN A 125 -13.81 3.41 -10.35
C ASN A 125 -14.12 4.56 -9.40
N LEU A 126 -13.19 5.51 -9.34
CA LEU A 126 -13.27 6.63 -8.39
C LEU A 126 -14.48 7.55 -8.64
N GLU A 127 -15.20 7.87 -7.57
CA GLU A 127 -16.11 9.01 -7.59
C GLU A 127 -15.68 9.99 -6.50
N PHE A 128 -16.07 11.25 -6.61
CA PHE A 128 -15.53 12.28 -5.75
C PHE A 128 -16.63 13.28 -5.41
N PRO A 129 -17.36 13.07 -4.31
CA PRO A 129 -18.40 14.04 -3.88
C PRO A 129 -17.95 15.49 -3.94
N GLY A 130 -18.75 16.31 -4.61
CA GLY A 130 -18.46 17.73 -4.80
C GLY A 130 -17.65 18.05 -6.03
N LEU A 131 -16.97 17.06 -6.64
CA LEU A 131 -16.19 17.29 -7.86
C LEU A 131 -16.94 16.87 -9.09
N ASN A 132 -17.35 15.59 -9.13
CA ASN A 132 -18.14 15.05 -10.23
C ASN A 132 -19.57 14.63 -9.85
N ILE A 133 -19.86 14.61 -8.55
CA ILE A 133 -21.21 14.29 -8.06
C ILE A 133 -21.56 15.17 -6.86
N ASP A 134 -22.80 15.08 -6.36
CA ASP A 134 -23.20 15.87 -5.18
C ASP A 134 -22.24 15.78 -3.99
N GLY A 135 -21.94 16.94 -3.40
CA GLY A 135 -21.08 17.02 -2.23
C GLY A 135 -21.69 17.58 -0.96
N GLY A 136 -20.85 18.27 -0.18
CA GLY A 136 -21.16 18.58 1.20
C GLY A 136 -21.65 19.98 1.51
N PHE A 137 -21.81 20.80 0.48
CA PHE A 137 -22.41 22.12 0.71
C PHE A 137 -23.94 21.94 0.80
N ALA A 138 -24.36 21.25 1.86
CA ALA A 138 -25.76 20.77 1.98
C ALA A 138 -25.98 20.30 3.38
N GLU A 139 -27.23 20.08 3.77
CA GLU A 139 -27.45 19.61 5.13
C GLU A 139 -27.03 18.14 5.32
N PHE A 140 -27.12 17.37 4.23
CA PHE A 140 -26.81 15.93 4.23
C PHE A 140 -26.08 15.53 2.99
N MET A 141 -25.23 14.51 3.07
CA MET A 141 -24.54 14.00 1.90
C MET A 141 -24.41 12.50 1.99
N ARG A 142 -24.51 11.83 0.84
CA ARG A 142 -24.20 10.42 0.79
C ARG A 142 -22.73 10.15 0.42
N THR A 143 -22.19 9.11 1.03
CA THR A 143 -20.83 8.70 0.73
C THR A 143 -20.74 7.18 0.98
N SER A 144 -19.53 6.63 0.90
CA SER A 144 -19.30 5.22 1.21
C SER A 144 -18.72 5.03 2.58
N HIS A 145 -19.03 3.90 3.23
CA HIS A 145 -18.44 3.61 4.52
C HIS A 145 -16.90 3.53 4.45
N ARG A 146 -16.38 3.15 3.27
CA ARG A 146 -14.94 3.04 3.08
C ARG A 146 -14.26 4.43 3.14
N SER A 147 -15.06 5.50 3.06
CA SER A 147 -14.51 6.87 3.05
C SER A 147 -14.50 7.49 4.46
N VAL A 148 -15.12 6.80 5.42
CA VAL A 148 -15.37 7.35 6.74
C VAL A 148 -14.22 7.10 7.68
N ILE A 149 -13.83 8.15 8.43
CA ILE A 149 -12.94 7.93 9.56
C ILE A 149 -13.65 8.45 10.80
N LYS A 150 -13.78 7.56 11.79
CA LYS A 150 -14.45 7.93 13.04
C LYS A 150 -13.56 8.79 13.91
N LEU A 151 -14.14 9.85 14.47
CA LEU A 151 -13.42 10.75 15.36
C LEU A 151 -13.82 10.42 16.79
N PRO A 152 -13.12 10.95 17.79
CA PRO A 152 -13.44 10.60 19.20
C PRO A 152 -14.90 10.93 19.54
N LYS A 153 -15.57 10.04 20.28
CA LYS A 153 -17.00 10.16 20.53
C LYS A 153 -17.36 11.50 21.19
N ASP A 154 -16.45 12.00 22.02
CA ASP A 154 -16.71 13.20 22.80
C ASP A 154 -16.29 14.51 22.14
N ILE A 155 -15.84 14.45 20.89
CA ILE A 155 -15.44 15.69 20.25
C ILE A 155 -16.54 16.77 20.22
N SER A 156 -16.16 18.01 20.50
CA SER A 156 -17.11 19.13 20.49
C SER A 156 -17.44 19.51 19.05
N ARG A 157 -18.63 20.06 18.82
CA ARG A 157 -19.01 20.47 17.47
C ARG A 157 -17.96 21.46 16.98
N GLU A 158 -17.52 22.36 17.85
CA GLU A 158 -16.55 23.40 17.49
C GLU A 158 -15.24 22.79 17.00
N LYS A 159 -14.72 21.81 17.73
CA LYS A 159 -13.47 21.16 17.33
C LYS A 159 -13.64 20.35 16.05
N LEU A 160 -14.83 19.79 15.87
CA LEU A 160 -15.15 18.96 14.72
C LEU A 160 -15.11 19.82 13.46
N VAL A 161 -15.81 20.95 13.53
CA VAL A 161 -15.80 21.90 12.43
C VAL A 161 -14.39 22.37 12.08
N GLU A 162 -13.56 22.59 13.10
CA GLU A 162 -12.17 23.04 12.92
C GLU A 162 -11.32 22.01 12.13
N MET A 163 -11.74 20.75 12.19
CA MET A 163 -11.03 19.67 11.50
C MET A 163 -11.46 19.51 10.06
N ALA A 164 -12.54 20.19 9.62
CA ALA A 164 -13.04 19.92 8.27
C ALA A 164 -11.97 20.03 7.20
N PRO A 165 -11.12 21.09 7.20
CA PRO A 165 -10.12 21.22 6.10
C PRO A 165 -9.08 20.09 6.07
N LEU A 166 -8.94 19.32 7.15
CA LEU A 166 -8.08 18.15 7.08
C LEU A 166 -8.47 17.17 5.96
N ALA A 167 -9.75 17.13 5.61
CA ALA A 167 -10.27 16.17 4.62
C ALA A 167 -9.82 16.42 3.19
N ASP A 168 -9.30 17.62 2.90
CA ASP A 168 -8.82 17.86 1.55
C ASP A 168 -7.59 18.76 1.57
N ALA A 169 -7.72 19.98 2.09
CA ALA A 169 -6.55 20.83 2.20
C ALA A 169 -5.44 20.13 2.97
N GLY A 170 -5.81 19.53 4.12
CA GLY A 170 -4.76 18.99 4.98
C GLY A 170 -4.17 17.73 4.40
N ILE A 171 -5.01 16.81 3.96
CA ILE A 171 -4.49 15.52 3.47
C ILE A 171 -3.62 15.80 2.24
N THR A 172 -3.99 16.79 1.43
CA THR A 172 -3.18 17.11 0.24
C THR A 172 -1.83 17.70 0.64
N ALA A 173 -1.84 18.64 1.60
CA ALA A 173 -0.56 19.13 2.10
C ALA A 173 0.29 18.05 2.72
N TYR A 174 -0.36 17.11 3.42
CA TYR A 174 0.37 16.03 4.10
C TYR A 174 1.08 15.07 3.16
N ARG A 175 0.36 14.58 2.16
CA ARG A 175 1.00 13.71 1.16
C ARG A 175 2.13 14.46 0.46
N ALA A 176 1.93 15.75 0.16
CA ALA A 176 2.94 16.48 -0.52
C ALA A 176 4.20 16.71 0.36
N VAL A 177 3.94 16.96 1.65
CA VAL A 177 5.05 17.11 2.59
C VAL A 177 5.77 15.77 2.77
N LYS A 178 5.05 14.65 2.77
CA LYS A 178 5.74 13.32 2.74
C LYS A 178 6.71 13.20 1.57
N LYS A 179 6.26 13.62 0.38
CA LYS A 179 7.15 13.64 -0.77
C LYS A 179 8.38 14.47 -0.50
N ALA A 180 8.18 15.70 -0.03
CA ALA A 180 9.24 16.63 0.26
C ALA A 180 10.29 16.07 1.22
N ALA A 181 9.81 15.43 2.28
CA ALA A 181 10.64 15.03 3.42
C ALA A 181 11.71 14.05 2.93
N ARG A 182 11.39 13.27 1.90
CA ARG A 182 12.34 12.26 1.39
C ARG A 182 13.75 12.74 1.06
N THR A 183 13.91 14.01 0.69
CA THR A 183 15.21 14.59 0.39
C THR A 183 15.58 15.80 1.24
N LEU A 184 14.82 16.02 2.30
CA LEU A 184 15.11 17.16 3.18
C LEU A 184 15.99 16.61 4.32
N TYR A 185 16.78 17.50 4.87
CA TYR A 185 17.75 17.14 5.91
C TYR A 185 18.06 18.45 6.62
N PRO A 186 18.72 18.44 7.79
CA PRO A 186 19.07 19.71 8.44
C PRO A 186 20.00 20.59 7.61
N GLY A 187 19.60 21.84 7.40
CA GLY A 187 20.37 22.74 6.56
C GLY A 187 19.74 22.84 5.17
N ALA A 188 18.89 21.88 4.82
CA ALA A 188 18.18 21.93 3.52
C ALA A 188 17.13 23.05 3.62
N TYR A 189 16.81 23.63 2.46
CA TYR A 189 15.79 24.68 2.37
C TYR A 189 14.61 24.14 1.63
N VAL A 190 13.40 24.44 2.12
CA VAL A 190 12.17 24.17 1.36
C VAL A 190 11.44 25.47 1.15
N ALA A 191 11.04 25.75 -0.09
CA ALA A 191 10.19 26.92 -0.35
C ALA A 191 8.77 26.40 -0.40
N ILE A 192 7.91 27.00 0.40
CA ILE A 192 6.47 26.66 0.39
C ILE A 192 5.76 27.88 -0.20
N VAL A 193 5.16 27.70 -1.39
CA VAL A 193 4.72 28.83 -2.18
C VAL A 193 3.22 28.84 -2.11
N GLY A 194 2.69 29.90 -1.47
CA GLY A 194 1.24 30.04 -1.34
C GLY A 194 0.81 29.62 0.03
N VAL A 195 0.65 30.59 0.94
CA VAL A 195 0.26 30.26 2.32
C VAL A 195 -1.29 30.37 2.41
N GLY A 196 -1.95 29.51 1.65
CA GLY A 196 -3.39 29.54 1.56
C GLY A 196 -4.03 28.46 2.36
N GLY A 197 -5.18 27.98 1.91
CA GLY A 197 -5.86 26.94 2.64
C GLY A 197 -4.98 25.72 2.80
N LEU A 198 -4.41 25.25 1.69
CA LEU A 198 -3.44 24.16 1.81
C LEU A 198 -2.10 24.60 2.34
N GLY A 199 -1.59 25.71 1.85
CA GLY A 199 -0.21 26.09 2.14
C GLY A 199 0.02 26.38 3.62
N HIS A 200 -0.94 27.03 4.31
CA HIS A 200 -0.72 27.32 5.74
C HIS A 200 -0.64 26.04 6.56
N ILE A 201 -1.34 24.99 6.11
CA ILE A 201 -1.20 23.67 6.75
C ILE A 201 0.18 23.10 6.43
N ALA A 202 0.63 23.26 5.18
CA ALA A 202 1.92 22.73 4.80
C ALA A 202 3.07 23.38 5.58
N VAL A 203 2.94 24.67 5.91
CA VAL A 203 3.98 25.33 6.72
C VAL A 203 4.10 24.56 8.03
N GLN A 204 2.98 24.29 8.67
CA GLN A 204 3.00 23.53 9.96
C GLN A 204 3.58 22.14 9.80
N LEU A 205 3.20 21.46 8.73
CA LEU A 205 3.61 20.06 8.54
C LEU A 205 5.08 20.00 8.20
N LEU A 206 5.60 20.97 7.48
CA LEU A 206 7.04 20.98 7.17
C LEU A 206 7.83 21.06 8.47
N LYS A 207 7.31 21.82 9.44
CA LYS A 207 8.05 21.98 10.71
C LYS A 207 7.95 20.76 11.62
N VAL A 208 6.85 20.01 11.56
CA VAL A 208 6.62 18.80 12.35
C VAL A 208 7.31 17.60 11.70
N MET A 209 7.39 17.58 10.35
CA MET A 209 7.75 16.36 9.63
C MET A 209 9.17 16.36 9.07
N THR A 210 9.80 17.53 9.04
CA THR A 210 11.16 17.66 8.54
C THR A 210 11.96 18.59 9.40
N PRO A 211 13.27 18.47 9.35
CA PRO A 211 14.14 19.47 9.98
C PRO A 211 14.59 20.60 9.04
N ALA A 212 13.93 20.78 7.89
CA ALA A 212 14.36 21.72 6.89
C ALA A 212 14.05 23.18 7.32
N THR A 213 14.79 24.11 6.74
CA THR A 213 14.59 25.56 6.91
C THR A 213 13.48 25.96 5.95
N VAL A 214 12.42 26.57 6.47
CA VAL A 214 11.18 26.78 5.68
C VAL A 214 11.10 28.25 5.23
N ILE A 215 11.02 28.44 3.91
CA ILE A 215 10.87 29.78 3.34
C ILE A 215 9.46 29.82 2.75
N ALA A 216 8.61 30.69 3.30
CA ALA A 216 7.22 30.77 2.83
C ALA A 216 7.06 31.97 1.89
N LEU A 217 6.34 31.78 0.76
CA LEU A 217 6.16 32.84 -0.23
C LEU A 217 4.67 33.12 -0.39
N ASP A 218 4.32 34.41 -0.39
CA ASP A 218 2.93 34.78 -0.71
C ASP A 218 2.98 36.22 -1.17
N VAL A 219 1.79 36.78 -1.40
CA VAL A 219 1.66 38.11 -2.04
C VAL A 219 0.68 38.99 -1.31
N LYS A 220 0.32 38.62 -0.08
CA LYS A 220 -0.46 39.45 0.84
C LYS A 220 0.22 39.48 2.19
N GLU A 221 0.40 40.66 2.74
CA GLU A 221 1.13 40.80 3.99
C GLU A 221 0.59 39.97 5.15
N GLU A 222 -0.73 39.85 5.28
CA GLU A 222 -1.26 39.11 6.41
C GLU A 222 -0.98 37.61 6.27
N LYS A 223 -0.78 37.16 5.03
CA LYS A 223 -0.51 35.71 4.85
C LYS A 223 0.95 35.39 5.18
N LEU A 224 1.83 36.35 4.89
CA LEU A 224 3.25 36.27 5.30
C LEU A 224 3.33 36.26 6.81
N LYS A 225 2.55 37.10 7.47
CA LYS A 225 2.52 37.06 8.94
C LYS A 225 1.95 35.80 9.53
N LEU A 226 0.88 35.26 8.94
CA LEU A 226 0.39 33.95 9.31
C LEU A 226 1.52 32.90 9.18
N ALA A 227 2.26 32.93 8.06
CA ALA A 227 3.33 31.95 7.88
C ALA A 227 4.36 32.05 9.01
N GLU A 228 4.71 33.28 9.42
CA GLU A 228 5.66 33.43 10.54
C GLU A 228 5.11 32.85 11.81
N ARG A 229 3.82 33.11 12.09
CA ARG A 229 3.20 32.58 13.31
C ARG A 229 3.20 31.07 13.34
N LEU A 230 3.11 30.47 12.15
CA LEU A 230 3.05 29.02 12.03
C LEU A 230 4.45 28.37 11.92
N GLY A 231 5.50 29.16 11.97
CA GLY A 231 6.84 28.56 12.07
C GLY A 231 7.76 28.75 10.87
N ALA A 232 7.33 29.47 9.84
CA ALA A 232 8.23 29.74 8.72
C ALA A 232 9.49 30.48 9.25
N ASP A 233 10.65 30.02 8.78
CA ASP A 233 11.92 30.61 9.17
C ASP A 233 12.18 31.90 8.43
N HIS A 234 11.68 32.00 7.19
CA HIS A 234 11.82 33.21 6.40
C HIS A 234 10.52 33.34 5.62
N VAL A 235 10.17 34.59 5.34
CA VAL A 235 9.04 34.88 4.44
C VAL A 235 9.46 35.79 3.32
N VAL A 236 8.86 35.58 2.15
CA VAL A 236 9.26 36.31 0.95
C VAL A 236 8.01 36.80 0.25
N ASP A 237 7.96 38.11 -0.01
CA ASP A 237 6.86 38.67 -0.77
C ASP A 237 7.13 38.42 -2.25
N ALA A 238 6.36 37.53 -2.86
CA ALA A 238 6.65 37.11 -4.23
C ALA A 238 6.24 38.12 -5.28
N ARG A 239 5.73 39.29 -4.87
CA ARG A 239 5.52 40.34 -5.85
C ARG A 239 6.83 41.03 -6.22
N ARG A 240 7.89 40.81 -5.44
CA ARG A 240 9.17 41.49 -5.63
C ARG A 240 10.32 40.51 -5.91
N ASP A 241 10.37 40.01 -7.14
CA ASP A 241 11.47 39.11 -7.59
C ASP A 241 11.75 37.94 -6.63
N PRO A 242 10.79 37.04 -6.52
CA PRO A 242 10.93 35.93 -5.58
C PRO A 242 12.17 35.09 -5.83
N VAL A 243 12.54 34.88 -7.10
CA VAL A 243 13.74 34.08 -7.36
C VAL A 243 14.98 34.74 -6.78
N LYS A 244 15.13 36.05 -7.04
CA LYS A 244 16.27 36.77 -6.49
C LYS A 244 16.31 36.70 -4.96
N GLN A 245 15.17 36.92 -4.30
CA GLN A 245 15.09 36.82 -2.84
C GLN A 245 15.50 35.46 -2.33
N VAL A 246 14.95 34.41 -2.92
CA VAL A 246 15.29 33.07 -2.49
C VAL A 246 16.75 32.74 -2.76
N MET A 247 17.28 33.15 -3.90
CA MET A 247 18.70 32.93 -4.19
C MET A 247 19.58 33.63 -3.15
N GLU A 248 19.18 34.83 -2.73
CA GLU A 248 19.91 35.51 -1.67
C GLU A 248 19.86 34.74 -0.36
N LEU A 249 18.67 34.29 0.06
CA LEU A 249 18.53 33.55 1.31
C LEU A 249 19.34 32.27 1.30
N THR A 250 19.57 31.70 0.11
CA THR A 250 20.21 30.38 0.05
C THR A 250 21.63 30.49 -0.51
N ARG A 251 22.17 31.73 -0.55
CA ARG A 251 23.56 31.97 -0.94
C ARG A 251 23.83 31.44 -2.34
N GLY A 252 22.85 31.64 -3.23
CA GLY A 252 22.88 31.27 -4.63
C GLY A 252 22.70 29.78 -4.90
N ARG A 253 22.41 28.99 -3.88
CA ARG A 253 22.31 27.55 -4.06
C ARG A 253 20.89 27.12 -4.48
N GLY A 254 19.90 27.96 -4.19
CA GLY A 254 18.51 27.56 -4.39
C GLY A 254 18.01 26.62 -3.33
N VAL A 255 16.78 26.14 -3.50
CA VAL A 255 16.13 25.29 -2.53
C VAL A 255 16.23 23.82 -2.92
N ASN A 256 16.25 22.97 -1.91
CA ASN A 256 16.22 21.52 -2.14
C ASN A 256 14.86 21.04 -2.62
N VAL A 257 13.79 21.63 -2.10
CA VAL A 257 12.42 21.33 -2.52
C VAL A 257 11.67 22.64 -2.58
N ALA A 258 10.89 22.82 -3.65
CA ALA A 258 9.89 23.92 -3.69
C ALA A 258 8.53 23.25 -3.80
N MET A 259 7.53 23.86 -3.22
CA MET A 259 6.18 23.25 -3.20
C MET A 259 5.22 24.32 -3.70
N ASP A 260 4.53 24.09 -4.83
CA ASP A 260 3.63 25.13 -5.36
C ASP A 260 2.23 24.81 -4.92
N PHE A 261 1.75 25.54 -3.89
CA PHE A 261 0.38 25.43 -3.39
C PHE A 261 -0.50 26.58 -3.91
N VAL A 262 -0.16 27.06 -5.10
CA VAL A 262 -0.95 28.10 -5.77
C VAL A 262 -1.43 27.57 -7.12
N GLY A 263 -0.49 27.25 -8.00
CA GLY A 263 -0.80 26.64 -9.28
C GLY A 263 -1.15 27.65 -10.36
N SER A 264 -1.02 28.94 -10.07
CA SER A 264 -1.25 29.94 -11.13
C SER A 264 -0.16 29.96 -12.20
N GLN A 265 -0.43 30.58 -13.37
CA GLN A 265 0.66 30.73 -14.32
C GLN A 265 1.85 31.45 -13.72
N ALA A 266 1.58 32.47 -12.92
CA ALA A 266 2.64 33.21 -12.22
C ALA A 266 3.56 32.30 -11.41
N THR A 267 2.96 31.44 -10.60
CA THR A 267 3.83 30.63 -9.73
C THR A 267 4.49 29.49 -10.50
N VAL A 268 3.77 28.90 -11.45
CA VAL A 268 4.38 27.82 -12.21
C VAL A 268 5.56 28.34 -13.06
N ASP A 269 5.47 29.63 -13.45
CA ASP A 269 6.52 30.36 -14.19
C ASP A 269 7.81 30.38 -13.31
N TYR A 270 7.68 30.79 -12.02
CA TYR A 270 8.89 31.06 -11.26
C TYR A 270 9.36 29.95 -10.37
N THR A 271 8.43 29.08 -9.96
CA THR A 271 8.89 28.04 -8.97
C THR A 271 10.00 27.10 -9.46
N PRO A 272 10.05 26.68 -10.73
CA PRO A 272 11.17 25.82 -11.14
C PRO A 272 12.54 26.49 -11.01
N TYR A 273 12.58 27.83 -11.08
CA TYR A 273 13.79 28.60 -10.99
C TYR A 273 14.27 28.79 -9.55
N LEU A 274 13.46 28.34 -8.59
CA LEU A 274 13.88 28.33 -7.18
C LEU A 274 14.81 27.15 -6.86
N LEU A 275 14.78 26.13 -7.70
CA LEU A 275 15.43 24.87 -7.36
C LEU A 275 16.95 24.92 -7.51
N GLY A 276 17.59 24.30 -6.52
CA GLY A 276 19.00 24.03 -6.61
C GLY A 276 19.27 22.71 -7.32
N ARG A 277 20.53 22.28 -7.23
CA ARG A 277 20.94 21.04 -7.91
C ARG A 277 20.26 19.89 -7.24
N MET A 278 19.76 18.97 -8.08
CA MET A 278 18.94 17.85 -7.63
C MET A 278 17.68 18.30 -6.87
N GLY A 279 17.31 19.55 -7.10
CA GLY A 279 16.08 20.12 -6.52
C GLY A 279 14.79 19.48 -7.06
N ARG A 280 13.74 19.49 -6.23
CA ARG A 280 12.46 18.90 -6.59
C ARG A 280 11.35 19.93 -6.37
N LEU A 281 10.52 20.09 -7.39
CA LEU A 281 9.33 20.95 -7.27
C LEU A 281 8.13 20.03 -7.15
N ILE A 282 7.44 20.13 -6.04
CA ILE A 282 6.23 19.38 -5.83
C ILE A 282 5.08 20.29 -6.25
N ILE A 283 4.37 19.83 -7.28
CA ILE A 283 3.28 20.61 -7.85
C ILE A 283 1.95 20.15 -7.26
N VAL A 284 1.30 21.07 -6.54
CA VAL A 284 0.04 20.81 -5.89
C VAL A 284 -1.06 21.67 -6.47
N GLY A 285 -0.84 22.99 -6.47
CA GLY A 285 -1.82 23.83 -7.13
C GLY A 285 -1.80 23.59 -8.64
N TYR A 286 -2.92 23.94 -9.28
CA TYR A 286 -2.94 23.76 -10.74
C TYR A 286 -3.73 24.88 -11.37
N GLY A 287 -3.63 24.91 -12.69
CA GLY A 287 -4.28 25.95 -13.50
C GLY A 287 -3.31 26.49 -14.53
N GLY A 288 -2.03 26.61 -14.16
CA GLY A 288 -0.99 27.09 -15.06
C GLY A 288 -0.37 26.02 -15.93
N GLU A 289 0.37 26.41 -16.98
CA GLU A 289 1.07 25.44 -17.77
C GLU A 289 2.52 25.40 -17.41
N LEU A 290 3.08 24.22 -17.11
CA LEU A 290 4.50 24.11 -16.83
C LEU A 290 5.32 24.31 -18.11
N ARG A 291 6.32 25.20 -18.09
CA ARG A 291 7.17 25.49 -19.29
C ARG A 291 8.56 25.76 -18.82
N PHE A 292 9.49 24.89 -19.20
CA PHE A 292 10.82 24.94 -18.62
C PHE A 292 11.77 24.25 -19.60
N PRO A 293 12.93 24.81 -19.89
CA PRO A 293 13.84 24.20 -20.87
C PRO A 293 14.43 22.86 -20.37
N THR A 294 14.36 21.83 -21.22
CA THR A 294 14.99 20.56 -20.80
C THR A 294 16.49 20.68 -20.54
N ILE A 295 17.20 21.62 -21.18
CA ILE A 295 18.62 21.66 -20.93
C ILE A 295 18.85 22.00 -19.43
N ARG A 296 17.93 22.78 -18.85
CA ARG A 296 18.01 23.09 -17.41
C ARG A 296 17.56 21.93 -16.57
N VAL A 297 16.55 21.20 -17.03
CA VAL A 297 16.08 20.01 -16.32
C VAL A 297 17.27 19.07 -16.12
N ILE A 298 18.01 18.78 -17.19
CA ILE A 298 19.13 17.84 -17.05
C ILE A 298 20.35 18.49 -16.40
N SER A 299 20.68 19.75 -16.71
CA SER A 299 21.95 20.28 -16.19
C SER A 299 21.90 20.49 -14.67
N SER A 300 20.72 20.78 -14.12
CA SER A 300 20.51 20.86 -12.67
C SER A 300 20.07 19.53 -12.08
N GLU A 301 19.71 18.55 -12.94
CA GLU A 301 19.11 17.27 -12.52
C GLU A 301 17.91 17.46 -11.56
N VAL A 302 16.96 18.29 -11.99
CA VAL A 302 15.79 18.56 -11.19
C VAL A 302 14.58 17.73 -11.61
N SER A 303 13.57 17.70 -10.74
CA SER A 303 12.34 16.99 -11.03
C SER A 303 11.15 17.86 -10.68
N PHE A 304 10.05 17.53 -11.33
CA PHE A 304 8.78 18.20 -11.13
C PHE A 304 7.79 17.10 -10.84
N GLU A 305 7.15 17.14 -9.67
CA GLU A 305 6.42 15.96 -9.17
C GLU A 305 5.03 16.38 -8.75
N GLY A 306 3.99 15.86 -9.40
CA GLY A 306 2.61 16.10 -9.02
C GLY A 306 2.28 15.37 -7.73
N SER A 307 1.38 15.96 -6.96
CA SER A 307 0.83 15.32 -5.78
C SER A 307 -0.66 15.51 -5.79
N LEU A 308 -1.38 14.43 -5.49
CA LEU A 308 -2.81 14.41 -5.64
C LEU A 308 -3.50 13.96 -4.35
N VAL A 309 -4.19 14.90 -3.70
CA VAL A 309 -4.96 14.62 -2.49
C VAL A 309 -4.13 13.69 -1.60
N GLY A 310 -4.70 12.56 -1.19
CA GLY A 310 -3.89 11.57 -0.49
C GLY A 310 -4.70 10.33 -0.27
N ASN A 311 -4.09 9.35 0.38
CA ASN A 311 -4.81 8.09 0.56
C ASN A 311 -5.43 7.99 1.96
N TYR A 312 -6.12 6.88 2.19
CA TYR A 312 -6.87 6.73 3.43
C TYR A 312 -5.94 6.68 4.66
N VAL A 313 -4.84 5.94 4.55
CA VAL A 313 -3.85 5.90 5.63
C VAL A 313 -3.30 7.28 5.92
N GLU A 314 -3.00 8.03 4.87
CA GLU A 314 -2.49 9.39 5.05
C GLU A 314 -3.50 10.28 5.78
N LEU A 315 -4.80 10.19 5.47
CA LEU A 315 -5.79 10.95 6.22
C LEU A 315 -5.82 10.51 7.68
N HIS A 316 -5.72 9.20 7.90
CA HIS A 316 -5.69 8.73 9.31
C HIS A 316 -4.47 9.28 10.07
N GLU A 317 -3.32 9.29 9.41
CA GLU A 317 -2.13 9.81 10.08
C GLU A 317 -2.26 11.31 10.36
N LEU A 318 -2.84 12.05 9.43
CA LEU A 318 -3.00 13.49 9.64
C LEU A 318 -4.00 13.79 10.75
N VAL A 319 -5.08 13.03 10.80
CA VAL A 319 -6.06 13.17 11.89
C VAL A 319 -5.35 12.94 13.23
N THR A 320 -4.47 11.93 13.31
CA THR A 320 -3.69 11.72 14.53
C THR A 320 -2.90 12.97 14.92
N LEU A 321 -2.15 13.54 13.98
CA LEU A 321 -1.42 14.76 14.24
C LEU A 321 -2.33 15.87 14.78
N ALA A 322 -3.52 16.03 14.21
CA ALA A 322 -4.42 17.06 14.65
C ALA A 322 -4.91 16.77 16.07
N LEU A 323 -5.21 15.52 16.33
CA LEU A 323 -5.68 15.13 17.68
C LEU A 323 -4.57 15.29 18.71
N GLN A 324 -3.31 15.23 18.28
CA GLN A 324 -2.18 15.46 19.17
C GLN A 324 -1.92 16.93 19.38
N GLY A 325 -2.63 17.76 18.62
CA GLY A 325 -2.44 19.20 18.62
C GLY A 325 -1.19 19.70 17.93
N LYS A 326 -0.69 18.96 16.94
CA LYS A 326 0.55 19.31 16.27
C LYS A 326 0.28 20.00 14.93
N VAL A 327 -0.98 20.05 14.52
CA VAL A 327 -1.38 20.87 13.39
C VAL A 327 -2.78 21.41 13.70
N ARG A 328 -2.99 22.67 13.33
CA ARG A 328 -4.27 23.29 13.57
C ARG A 328 -4.59 24.20 12.39
N VAL A 329 -5.78 23.99 11.81
CA VAL A 329 -6.19 24.79 10.64
C VAL A 329 -6.72 26.14 11.11
N GLU A 330 -6.28 27.17 10.40
CA GLU A 330 -6.79 28.53 10.58
C GLU A 330 -8.09 28.63 9.78
N VAL A 331 -9.20 28.76 10.52
CA VAL A 331 -10.52 28.63 9.94
C VAL A 331 -11.37 29.88 10.09
N ASP A 332 -12.04 30.23 9.00
CA ASP A 332 -12.97 31.36 8.97
C ASP A 332 -14.37 30.77 8.79
N ILE A 333 -15.17 30.79 9.86
CA ILE A 333 -16.44 30.09 9.90
C ILE A 333 -17.56 30.98 9.36
N HIS A 334 -18.29 30.44 8.37
CA HIS A 334 -19.42 31.11 7.73
C HIS A 334 -20.58 30.16 7.59
N LYS A 335 -21.74 30.70 7.24
CA LYS A 335 -22.93 29.86 7.03
C LYS A 335 -22.99 29.39 5.61
N LEU A 336 -23.60 28.22 5.41
CA LEU A 336 -23.79 27.70 4.07
C LEU A 336 -24.38 28.77 3.13
N ASP A 337 -25.32 29.57 3.62
CA ASP A 337 -25.96 30.52 2.70
C ASP A 337 -25.07 31.68 2.30
N GLU A 338 -23.88 31.78 2.95
CA GLU A 338 -22.88 32.79 2.61
C GLU A 338 -21.87 32.28 1.57
N ILE A 339 -22.08 31.10 1.02
CA ILE A 339 -21.11 30.52 0.09
C ILE A 339 -20.60 31.42 -1.04
N ASN A 340 -21.50 32.18 -1.69
CA ASN A 340 -21.05 33.04 -2.74
C ASN A 340 -20.19 34.19 -2.29
N ASP A 341 -20.48 34.73 -1.10
CA ASP A 341 -19.62 35.76 -0.53
C ASP A 341 -18.22 35.16 -0.32
N VAL A 342 -18.21 33.94 0.23
CA VAL A 342 -16.94 33.27 0.54
C VAL A 342 -16.12 32.96 -0.73
N LEU A 343 -16.78 32.45 -1.78
CA LEU A 343 -16.11 32.23 -3.04
C LEU A 343 -15.56 33.52 -3.65
N GLU A 344 -16.34 34.61 -3.58
CA GLU A 344 -15.83 35.90 -4.09
C GLU A 344 -14.58 36.34 -3.36
N ARG A 345 -14.63 36.21 -2.05
CA ARG A 345 -13.51 36.55 -1.20
C ARG A 345 -12.27 35.67 -1.47
N LEU A 346 -12.53 34.37 -1.67
CA LEU A 346 -11.42 33.45 -1.91
C LEU A 346 -10.75 33.81 -3.25
N GLU A 347 -11.54 34.17 -4.26
CA GLU A 347 -10.98 34.57 -5.54
C GLU A 347 -10.09 35.80 -5.41
N LYS A 348 -10.48 36.68 -4.47
CA LYS A 348 -9.78 37.95 -4.28
C LYS A 348 -8.67 37.88 -3.26
N GLY A 349 -8.45 36.71 -2.66
CA GLY A 349 -7.38 36.60 -1.69
C GLY A 349 -7.75 37.13 -0.32
N GLU A 350 -9.05 37.18 -0.03
CA GLU A 350 -9.57 37.75 1.23
C GLU A 350 -9.96 36.70 2.26
N VAL A 351 -9.40 35.47 2.17
CA VAL A 351 -9.71 34.46 3.19
C VAL A 351 -8.40 34.05 3.83
N LEU A 352 -8.28 34.30 5.14
CA LEU A 352 -7.09 33.92 5.88
C LEU A 352 -7.24 32.44 6.30
N GLY A 353 -6.38 31.62 5.72
CA GLY A 353 -6.44 30.19 5.95
C GLY A 353 -7.57 29.59 5.15
N ARG A 354 -8.50 28.93 5.84
CA ARG A 354 -9.57 28.15 5.19
C ARG A 354 -10.94 28.56 5.64
N ALA A 355 -11.83 28.89 4.70
CA ALA A 355 -13.23 29.06 5.06
C ALA A 355 -13.91 27.71 5.20
N VAL A 356 -14.76 27.61 6.23
CA VAL A 356 -15.57 26.42 6.46
C VAL A 356 -17.01 26.86 6.65
N LEU A 357 -17.91 26.20 5.95
CA LEU A 357 -19.34 26.52 6.04
C LEU A 357 -20.05 25.57 6.96
N ILE A 358 -20.94 26.12 7.78
CA ILE A 358 -21.77 25.33 8.67
C ILE A 358 -23.24 25.48 8.33
N PRO A 359 -24.04 24.44 8.56
CA PRO A 359 -25.52 24.57 8.47
C PRO A 359 -26.04 25.58 9.48
N LEU B 16 -15.45 -34.49 -0.88
CA LEU B 16 -15.49 -34.46 0.61
C LEU B 16 -14.41 -35.33 1.28
N LYS B 17 -13.42 -35.78 0.50
CA LYS B 17 -12.18 -36.30 1.11
C LYS B 17 -11.30 -35.13 1.54
N ALA B 18 -10.62 -35.28 2.68
CA ALA B 18 -9.65 -34.26 3.13
C ALA B 18 -8.50 -34.88 3.94
N ALA B 19 -7.32 -34.25 3.93
CA ALA B 19 -6.19 -34.68 4.78
C ALA B 19 -6.12 -33.78 5.99
N ARG B 20 -6.37 -34.35 7.18
CA ARG B 20 -6.56 -33.54 8.39
C ARG B 20 -5.63 -33.88 9.51
N LEU B 21 -5.19 -32.83 10.19
CA LEU B 21 -4.37 -32.93 11.38
C LEU B 21 -5.29 -33.10 12.58
N HIS B 22 -5.22 -34.28 13.21
CA HIS B 22 -5.91 -34.54 14.49
C HIS B 22 -4.98 -34.52 15.68
N GLU B 23 -3.76 -35.02 15.47
CA GLU B 23 -2.77 -35.07 16.52
C GLU B 23 -1.41 -34.75 15.95
N TYR B 24 -0.63 -33.99 16.70
CA TYR B 24 0.74 -33.65 16.35
C TYR B 24 1.64 -34.88 16.40
N ASN B 25 2.66 -34.87 15.53
CA ASN B 25 3.63 -35.96 15.41
C ASN B 25 3.06 -37.32 15.03
N LYS B 26 1.98 -37.27 14.25
CA LYS B 26 1.35 -38.46 13.67
C LYS B 26 1.01 -38.17 12.21
N PRO B 27 0.80 -39.20 11.39
CA PRO B 27 0.39 -39.00 10.00
C PRO B 27 -0.94 -38.22 9.94
N LEU B 28 -1.13 -37.43 8.89
CA LEU B 28 -2.46 -36.83 8.69
C LEU B 28 -3.47 -37.94 8.41
N ARG B 29 -4.72 -37.67 8.77
CA ARG B 29 -5.80 -38.61 8.50
C ARG B 29 -6.53 -38.24 7.21
N ILE B 30 -6.63 -39.20 6.29
CA ILE B 30 -7.36 -38.98 5.06
C ILE B 30 -8.78 -39.45 5.34
N GLU B 31 -9.76 -38.54 5.31
CA GLU B 31 -11.11 -38.90 5.76
C GLU B 31 -12.15 -38.01 5.11
N ASP B 32 -13.42 -38.38 5.26
CA ASP B 32 -14.49 -37.49 4.80
C ASP B 32 -14.76 -36.33 5.75
N VAL B 33 -15.13 -35.19 5.17
CA VAL B 33 -15.51 -34.01 5.94
C VAL B 33 -16.70 -33.43 5.20
N ASP B 34 -17.50 -32.57 5.84
CA ASP B 34 -18.62 -31.97 5.11
C ASP B 34 -18.10 -30.89 4.14
N TYR B 35 -18.89 -30.65 3.10
CA TYR B 35 -18.63 -29.59 2.13
C TYR B 35 -18.53 -28.25 2.86
N PRO B 36 -17.63 -27.37 2.43
CA PRO B 36 -17.45 -26.10 3.16
C PRO B 36 -18.69 -25.19 3.19
N ARG B 37 -18.81 -24.39 4.25
CA ARG B 37 -19.98 -23.51 4.37
C ARG B 37 -19.66 -22.16 3.75
N LEU B 38 -20.43 -21.79 2.73
CA LEU B 38 -20.38 -20.46 2.12
C LEU B 38 -21.11 -19.46 3.05
N GLU B 39 -20.37 -18.62 3.75
CA GLU B 39 -20.93 -17.69 4.74
C GLU B 39 -19.96 -16.57 5.09
N GLY B 40 -20.51 -15.41 5.43
CA GLY B 40 -19.70 -14.30 5.89
C GLY B 40 -18.58 -13.95 4.94
N ARG B 41 -17.37 -13.93 5.48
CA ARG B 41 -16.19 -13.54 4.70
C ARG B 41 -15.76 -14.67 3.78
N PHE B 42 -16.26 -15.89 4.04
CA PHE B 42 -15.98 -17.00 3.15
C PHE B 42 -17.00 -17.03 2.05
N ASP B 43 -16.78 -16.16 1.06
CA ASP B 43 -17.79 -15.96 0.04
C ASP B 43 -17.39 -16.63 -1.30
N VAL B 44 -16.38 -17.50 -1.27
CA VAL B 44 -16.00 -18.28 -2.44
C VAL B 44 -15.67 -19.70 -2.03
N ILE B 45 -16.19 -20.67 -2.77
CA ILE B 45 -15.70 -22.05 -2.64
C ILE B 45 -15.02 -22.47 -3.94
N VAL B 46 -13.82 -23.07 -3.79
CA VAL B 46 -13.03 -23.52 -4.91
C VAL B 46 -12.96 -25.03 -4.91
N ARG B 47 -13.10 -25.60 -6.09
CA ARG B 47 -12.74 -26.99 -6.39
C ARG B 47 -11.23 -27.03 -6.62
N ILE B 48 -10.51 -27.64 -5.67
CA ILE B 48 -9.06 -27.70 -5.75
C ILE B 48 -8.59 -28.49 -6.95
N ALA B 49 -7.66 -27.91 -7.71
CA ALA B 49 -6.96 -28.60 -8.82
C ALA B 49 -5.54 -29.01 -8.43
N GLY B 50 -4.87 -28.21 -7.60
CA GLY B 50 -3.50 -28.51 -7.20
C GLY B 50 -3.25 -27.90 -5.83
N ALA B 51 -2.67 -28.69 -4.92
CA ALA B 51 -2.38 -28.23 -3.56
C ALA B 51 -0.92 -28.51 -3.23
N GLY B 52 -0.11 -27.47 -3.18
CA GLY B 52 1.29 -27.67 -2.87
C GLY B 52 1.55 -28.10 -1.45
N VAL B 53 2.63 -28.86 -1.26
CA VAL B 53 3.04 -29.33 0.06
C VAL B 53 4.31 -28.54 0.45
N CYS B 54 4.23 -27.85 1.56
CA CYS B 54 5.27 -26.94 1.99
C CYS B 54 6.07 -27.51 3.16
N HIS B 55 7.34 -27.12 3.32
CA HIS B 55 8.00 -27.52 4.55
C HIS B 55 7.26 -27.03 5.82
N THR B 56 6.49 -25.94 5.71
CA THR B 56 5.67 -25.53 6.83
C THR B 56 4.69 -26.61 7.27
N ASP B 57 4.27 -27.44 6.33
CA ASP B 57 3.37 -28.57 6.68
C ASP B 57 4.05 -29.59 7.60
N LEU B 58 5.35 -29.79 7.42
CA LEU B 58 6.08 -30.62 8.38
C LEU B 58 6.17 -29.95 9.74
N HIS B 59 6.49 -28.65 9.74
CA HIS B 59 6.49 -27.89 10.97
C HIS B 59 5.12 -27.95 11.66
N LEU B 60 4.01 -27.88 10.88
CA LEU B 60 2.68 -27.92 11.47
C LEU B 60 2.45 -29.26 12.16
N VAL B 61 2.72 -30.34 11.44
CA VAL B 61 2.52 -31.68 12.00
C VAL B 61 3.40 -31.86 13.25
N GLN B 62 4.61 -31.28 13.23
CA GLN B 62 5.50 -31.34 14.41
C GLN B 62 5.03 -30.53 15.63
N GLY B 63 4.01 -29.69 15.44
CA GLY B 63 3.48 -28.86 16.50
C GLY B 63 4.13 -27.50 16.70
N MET B 64 4.96 -27.08 15.75
CA MET B 64 5.72 -25.83 15.89
C MET B 64 4.85 -24.57 16.00
N TRP B 65 3.63 -24.63 15.44
CA TRP B 65 2.76 -23.48 15.37
C TRP B 65 1.63 -23.47 16.42
N HIS B 66 1.52 -24.56 17.17
CA HIS B 66 0.48 -24.71 18.20
C HIS B 66 0.47 -23.51 19.16
N GLU B 67 1.60 -23.29 19.84
CA GLU B 67 1.76 -22.13 20.72
C GLU B 67 1.27 -20.80 20.09
N LEU B 68 1.72 -20.49 18.87
CA LEU B 68 1.43 -19.18 18.26
C LEU B 68 0.03 -18.98 17.70
N LEU B 69 -0.54 -20.05 17.13
CA LEU B 69 -1.81 -19.93 16.41
C LEU B 69 -2.97 -20.57 17.17
N GLN B 70 -2.64 -21.49 18.07
CA GLN B 70 -3.62 -22.27 18.85
C GLN B 70 -4.89 -22.66 18.08
N PRO B 71 -4.74 -23.46 17.01
CA PRO B 71 -5.88 -23.80 16.15
C PRO B 71 -6.72 -24.89 16.78
N LYS B 72 -8.00 -24.94 16.42
CA LYS B 72 -8.86 -26.04 16.85
C LYS B 72 -8.58 -27.27 15.99
N LEU B 73 -8.32 -28.40 16.65
CA LEU B 73 -8.13 -29.69 15.99
C LEU B 73 -9.43 -30.48 15.98
N PRO B 74 -9.71 -31.27 14.94
CA PRO B 74 -8.91 -31.34 13.69
C PRO B 74 -9.16 -30.23 12.67
N TYR B 75 -8.19 -30.06 11.77
CA TYR B 75 -8.37 -29.20 10.60
C TYR B 75 -7.58 -29.69 9.42
N THR B 76 -8.04 -29.29 8.24
CA THR B 76 -7.46 -29.74 7.00
C THR B 76 -6.27 -28.83 6.64
N LEU B 77 -5.17 -29.46 6.27
CA LEU B 77 -3.99 -28.65 5.93
C LEU B 77 -4.06 -28.26 4.45
N GLY B 78 -3.10 -27.44 4.02
CA GLY B 78 -2.85 -27.12 2.60
C GLY B 78 -3.06 -25.63 2.35
N HIS B 79 -1.98 -24.88 2.14
CA HIS B 79 -2.12 -23.42 2.00
C HIS B 79 -1.50 -22.89 0.70
N GLU B 80 -1.36 -23.76 -0.28
CA GLU B 80 -0.70 -23.41 -1.53
C GLU B 80 -1.56 -23.93 -2.67
N ASN B 81 -2.61 -23.14 -2.98
CA ASN B 81 -3.74 -23.72 -3.71
C ASN B 81 -4.11 -23.07 -5.02
N VAL B 82 -4.40 -23.90 -6.01
CA VAL B 82 -5.05 -23.45 -7.26
C VAL B 82 -6.28 -24.32 -7.51
N GLY B 83 -7.22 -23.82 -8.29
CA GLY B 83 -8.39 -24.61 -8.55
C GLY B 83 -9.33 -23.85 -9.47
N TYR B 84 -10.59 -24.28 -9.40
CA TYR B 84 -11.64 -23.69 -10.23
C TYR B 84 -12.73 -23.22 -9.31
N ILE B 85 -13.30 -22.05 -9.58
CA ILE B 85 -14.42 -21.60 -8.76
C ILE B 85 -15.47 -22.70 -8.79
N GLU B 86 -16.06 -22.96 -7.61
CA GLU B 86 -17.22 -23.87 -7.56
C GLU B 86 -18.48 -23.03 -7.42
N GLU B 87 -18.54 -22.17 -6.40
CA GLU B 87 -19.65 -21.23 -6.25
C GLU B 87 -19.22 -20.02 -5.48
N VAL B 88 -20.05 -18.98 -5.52
CA VAL B 88 -19.78 -17.73 -4.82
C VAL B 88 -21.03 -17.19 -4.17
N ALA B 89 -20.83 -16.37 -3.15
CA ALA B 89 -21.91 -15.79 -2.36
C ALA B 89 -22.32 -14.50 -2.98
N GLU B 90 -23.33 -13.84 -2.38
CA GLU B 90 -23.80 -12.56 -2.91
C GLU B 90 -22.71 -11.50 -2.99
N GLY B 91 -22.84 -10.63 -3.99
CA GLY B 91 -21.95 -9.48 -4.10
C GLY B 91 -20.58 -9.75 -4.68
N VAL B 92 -20.17 -11.02 -4.80
CA VAL B 92 -18.87 -11.35 -5.36
C VAL B 92 -18.90 -11.08 -6.86
N GLU B 93 -17.96 -10.26 -7.34
CA GLU B 93 -17.96 -9.92 -8.76
C GLU B 93 -16.93 -10.66 -9.59
N GLY B 94 -17.25 -10.90 -10.86
CA GLY B 94 -16.29 -11.40 -11.84
C GLY B 94 -15.84 -12.85 -11.67
N LEU B 95 -16.56 -13.61 -10.85
CA LEU B 95 -16.23 -15.03 -10.61
C LEU B 95 -17.42 -15.94 -10.78
N GLU B 96 -17.23 -17.01 -11.55
CA GLU B 96 -18.31 -17.97 -11.72
C GLU B 96 -17.74 -19.37 -11.86
N LYS B 97 -18.62 -20.34 -11.61
CA LYS B 97 -18.23 -21.73 -11.66
C LYS B 97 -17.38 -22.01 -12.89
N GLY B 98 -16.25 -22.65 -12.65
CA GLY B 98 -15.34 -23.09 -13.69
C GLY B 98 -14.14 -22.16 -13.91
N ASP B 99 -14.18 -20.94 -13.35
CA ASP B 99 -13.09 -20.00 -13.62
C ASP B 99 -11.81 -20.52 -12.94
N PRO B 100 -10.69 -20.63 -13.65
CA PRO B 100 -9.45 -21.04 -12.99
C PRO B 100 -8.88 -19.91 -12.15
N VAL B 101 -8.36 -20.28 -10.97
CA VAL B 101 -7.91 -19.27 -10.02
C VAL B 101 -6.69 -19.78 -9.24
N ILE B 102 -5.92 -18.82 -8.73
CA ILE B 102 -4.88 -19.11 -7.77
C ILE B 102 -5.23 -18.30 -6.52
N LEU B 103 -4.95 -18.90 -5.37
CA LEU B 103 -5.36 -18.28 -4.11
C LEU B 103 -4.24 -17.71 -3.30
N HIS B 104 -4.35 -16.42 -2.95
CA HIS B 104 -3.47 -15.87 -1.93
C HIS B 104 -3.77 -16.56 -0.59
N PRO B 105 -2.75 -16.97 0.15
CA PRO B 105 -3.06 -17.82 1.31
C PRO B 105 -3.74 -17.13 2.47
N ALA B 106 -3.77 -15.79 2.53
CA ALA B 106 -4.41 -15.06 3.63
C ALA B 106 -5.85 -14.72 3.26
N VAL B 107 -6.75 -14.87 4.21
CA VAL B 107 -8.12 -14.42 4.06
C VAL B 107 -8.25 -13.20 4.96
N THR B 108 -8.46 -12.03 4.35
CA THR B 108 -8.42 -10.75 5.08
C THR B 108 -9.70 -9.92 4.89
N ASP B 109 -9.96 -8.99 5.82
CA ASP B 109 -11.16 -8.11 5.79
C ASP B 109 -11.14 -6.93 4.79
N GLY B 110 -9.96 -6.40 4.51
CA GLY B 110 -9.85 -5.23 3.67
C GLY B 110 -10.23 -3.92 4.38
N THR B 111 -10.51 -3.98 5.68
CA THR B 111 -11.01 -2.80 6.40
C THR B 111 -10.00 -2.18 7.37
N CYS B 112 -9.17 -3.02 7.99
CA CYS B 112 -8.16 -2.52 8.91
C CYS B 112 -7.06 -1.72 8.18
N LEU B 113 -6.28 -0.97 8.95
CA LEU B 113 -5.30 -0.04 8.37
C LEU B 113 -4.21 -0.73 7.54
N ALA B 114 -3.82 -1.94 7.96
CA ALA B 114 -2.84 -2.73 7.22
C ALA B 114 -3.35 -3.09 5.85
N CYS B 115 -4.60 -3.53 5.82
CA CYS B 115 -5.26 -3.88 4.59
C CYS B 115 -5.40 -2.66 3.69
N ARG B 116 -5.71 -1.52 4.31
CA ARG B 116 -5.88 -0.28 3.57
C ARG B 116 -4.52 0.18 3.04
N ALA B 117 -3.42 -0.32 3.62
CA ALA B 117 -2.11 0.00 3.08
C ALA B 117 -1.60 -1.09 2.13
N GLY B 118 -2.34 -2.19 2.04
CA GLY B 118 -2.00 -3.21 1.06
C GLY B 118 -1.15 -4.35 1.60
N GLU B 119 -0.98 -4.43 2.90
CA GLU B 119 -0.13 -5.51 3.48
C GLU B 119 -0.97 -6.64 4.04
N ASP B 120 -1.39 -7.57 3.15
CA ASP B 120 -2.33 -8.62 3.52
C ASP B 120 -1.87 -9.41 4.72
N MET B 121 -0.55 -9.66 4.83
CA MET B 121 -0.07 -10.49 5.93
C MET B 121 -0.13 -9.81 7.28
N HIS B 122 -0.50 -8.52 7.30
CA HIS B 122 -0.51 -7.79 8.55
C HIS B 122 -1.90 -7.32 8.91
N CYS B 123 -2.87 -7.90 8.23
CA CYS B 123 -4.26 -7.61 8.50
C CYS B 123 -4.67 -8.12 9.88
N GLU B 124 -5.38 -7.27 10.62
CA GLU B 124 -5.79 -7.56 11.99
C GLU B 124 -6.61 -8.83 12.17
N ASN B 125 -7.49 -9.12 11.21
CA ASN B 125 -8.39 -10.25 11.41
C ASN B 125 -8.03 -11.42 10.50
N LEU B 126 -6.74 -11.61 10.30
CA LEU B 126 -6.23 -12.59 9.34
C LEU B 126 -6.56 -14.03 9.72
N GLU B 127 -7.07 -14.77 8.73
CA GLU B 127 -7.25 -16.23 8.83
C GLU B 127 -6.44 -16.83 7.68
N PHE B 128 -5.99 -18.07 7.81
CA PHE B 128 -5.02 -18.60 6.87
C PHE B 128 -5.37 -20.05 6.63
N PRO B 129 -6.15 -20.35 5.57
CA PRO B 129 -6.48 -21.74 5.25
C PRO B 129 -5.24 -22.67 5.22
N GLY B 130 -5.37 -23.77 5.94
CA GLY B 130 -4.25 -24.69 6.03
C GLY B 130 -3.34 -24.46 7.21
N LEU B 131 -3.32 -23.25 7.77
CA LEU B 131 -2.39 -22.97 8.86
C LEU B 131 -3.13 -23.04 10.16
N ASN B 132 -4.24 -22.30 10.25
CA ASN B 132 -5.09 -22.28 11.43
C ASN B 132 -6.57 -22.65 11.24
N ILE B 133 -6.99 -22.85 9.99
CA ILE B 133 -8.36 -23.25 9.64
C ILE B 133 -8.26 -24.18 8.43
N ASP B 134 -9.37 -24.78 8.01
CA ASP B 134 -9.33 -25.76 6.95
C ASP B 134 -8.73 -25.20 5.64
N GLY B 135 -7.87 -26.02 5.05
CA GLY B 135 -7.15 -25.72 3.82
C GLY B 135 -7.47 -26.57 2.60
N GLY B 136 -6.48 -26.65 1.70
CA GLY B 136 -6.67 -27.14 0.34
C GLY B 136 -6.39 -28.61 0.05
N PHE B 137 -5.96 -29.35 1.09
CA PHE B 137 -5.76 -30.80 0.89
C PHE B 137 -7.13 -31.48 0.98
N ALA B 138 -8.00 -31.16 0.03
CA ALA B 138 -9.41 -31.56 0.05
C ALA B 138 -9.99 -31.33 -1.32
N GLU B 139 -11.18 -31.85 -1.56
CA GLU B 139 -11.81 -31.64 -2.85
C GLU B 139 -12.24 -30.17 -3.03
N PHE B 140 -12.70 -29.55 -1.95
CA PHE B 140 -13.21 -28.18 -1.99
C PHE B 140 -12.66 -27.40 -0.83
N MET B 141 -12.58 -26.09 -1.01
CA MET B 141 -12.10 -25.22 0.06
C MET B 141 -12.76 -23.87 -0.05
N ARG B 142 -13.21 -23.34 1.09
CA ARG B 142 -13.72 -21.98 1.17
C ARG B 142 -12.63 -20.94 1.39
N THR B 143 -12.87 -19.76 0.81
CA THR B 143 -11.93 -18.67 0.92
C THR B 143 -12.67 -17.36 0.71
N SER B 144 -11.94 -16.24 0.62
CA SER B 144 -12.53 -14.91 0.36
C SER B 144 -12.25 -14.51 -1.08
N HIS B 145 -13.20 -13.80 -1.70
CA HIS B 145 -12.96 -13.30 -3.05
C HIS B 145 -11.72 -12.38 -3.07
N ARG B 146 -11.41 -11.78 -1.91
CA ARG B 146 -10.22 -10.91 -1.81
C ARG B 146 -8.92 -11.71 -1.99
N SER B 147 -8.98 -13.03 -1.87
CA SER B 147 -7.77 -13.86 -1.97
C SER B 147 -7.61 -14.41 -3.38
N VAL B 148 -8.64 -14.20 -4.23
CA VAL B 148 -8.63 -14.82 -5.54
C VAL B 148 -7.93 -13.99 -6.62
N ILE B 149 -7.10 -14.66 -7.40
CA ILE B 149 -6.59 -14.08 -8.66
C ILE B 149 -7.02 -14.98 -9.78
N LYS B 150 -7.76 -14.41 -10.73
CA LYS B 150 -8.20 -15.14 -11.91
C LYS B 150 -7.08 -15.37 -12.90
N LEU B 151 -7.00 -16.60 -13.40
CA LEU B 151 -6.03 -16.98 -14.40
C LEU B 151 -6.72 -17.00 -15.75
N PRO B 152 -5.94 -17.02 -16.82
CA PRO B 152 -6.56 -17.03 -18.16
C PRO B 152 -7.51 -18.20 -18.29
N LYS B 153 -8.69 -17.92 -18.84
CA LYS B 153 -9.80 -18.85 -18.90
C LYS B 153 -9.41 -20.14 -19.64
N ASP B 154 -8.53 -19.96 -20.62
CA ASP B 154 -8.04 -21.02 -21.48
C ASP B 154 -6.95 -21.94 -20.88
N ILE B 155 -6.47 -21.66 -19.67
CA ILE B 155 -5.30 -22.40 -19.17
C ILE B 155 -5.61 -23.88 -19.06
N SER B 156 -4.65 -24.73 -19.41
CA SER B 156 -4.80 -26.16 -19.29
C SER B 156 -4.74 -26.57 -17.83
N ARG B 157 -5.35 -27.70 -17.50
CA ARG B 157 -5.29 -28.19 -16.13
C ARG B 157 -3.83 -28.41 -15.72
N GLU B 158 -3.03 -28.97 -16.61
CA GLU B 158 -1.63 -29.25 -16.36
C GLU B 158 -0.86 -27.96 -16.02
N LYS B 159 -1.08 -26.89 -16.76
CA LYS B 159 -0.38 -25.63 -16.52
C LYS B 159 -0.88 -25.02 -15.21
N LEU B 160 -2.19 -25.15 -14.96
CA LEU B 160 -2.77 -24.61 -13.69
C LEU B 160 -2.08 -25.25 -12.48
N VAL B 161 -1.97 -26.58 -12.53
CA VAL B 161 -1.40 -27.32 -11.41
C VAL B 161 0.07 -26.95 -11.19
N GLU B 162 0.82 -26.74 -12.28
CA GLU B 162 2.20 -26.32 -12.22
C GLU B 162 2.38 -24.93 -11.59
N MET B 163 1.32 -24.13 -11.59
CA MET B 163 1.35 -22.82 -10.97
C MET B 163 1.05 -22.88 -9.47
N ALA B 164 0.62 -24.02 -8.95
CA ALA B 164 0.17 -24.06 -7.56
C ALA B 164 1.22 -23.46 -6.60
N PRO B 165 2.49 -23.87 -6.73
CA PRO B 165 3.46 -23.37 -5.75
C PRO B 165 3.66 -21.87 -5.77
N LEU B 166 3.23 -21.17 -6.81
CA LEU B 166 3.38 -19.70 -6.80
C LEU B 166 2.58 -19.08 -5.64
N ALA B 167 1.53 -19.78 -5.16
CA ALA B 167 0.63 -19.25 -4.15
C ALA B 167 1.24 -19.13 -2.76
N ASP B 168 2.37 -19.81 -2.52
CA ASP B 168 3.00 -19.69 -1.21
C ASP B 168 4.54 -19.72 -1.37
N ALA B 169 5.07 -20.81 -1.90
CA ALA B 169 6.51 -20.85 -2.18
C ALA B 169 6.94 -19.70 -3.08
N GLY B 170 6.20 -19.47 -4.18
CA GLY B 170 6.60 -18.44 -5.12
C GLY B 170 6.47 -17.03 -4.55
N ILE B 171 5.30 -16.72 -3.98
CA ILE B 171 5.06 -15.35 -3.49
C ILE B 171 6.08 -15.03 -2.37
N THR B 172 6.37 -16.02 -1.52
CA THR B 172 7.34 -15.79 -0.43
C THR B 172 8.72 -15.50 -1.01
N ALA B 173 9.15 -16.31 -2.00
CA ALA B 173 10.44 -16.06 -2.63
C ALA B 173 10.44 -14.68 -3.30
N TYR B 174 9.32 -14.30 -3.92
CA TYR B 174 9.24 -13.03 -4.65
C TYR B 174 9.33 -11.80 -3.75
N ARG B 175 8.58 -11.81 -2.64
CA ARG B 175 8.72 -10.71 -1.69
C ARG B 175 10.11 -10.64 -1.13
N ALA B 176 10.71 -11.80 -0.81
CA ALA B 176 12.05 -11.79 -0.29
C ALA B 176 13.06 -11.28 -1.31
N VAL B 177 12.89 -11.65 -2.58
CA VAL B 177 13.81 -11.18 -3.63
C VAL B 177 13.63 -9.68 -3.85
N LYS B 178 12.39 -9.19 -3.78
CA LYS B 178 12.18 -7.71 -3.79
C LYS B 178 12.96 -7.04 -2.69
N LYS B 179 12.92 -7.58 -1.47
CA LYS B 179 13.75 -7.01 -0.41
C LYS B 179 15.24 -7.03 -0.80
N ALA B 180 15.71 -8.16 -1.32
CA ALA B 180 17.11 -8.31 -1.69
C ALA B 180 17.52 -7.29 -2.73
N ALA B 181 16.68 -7.09 -3.74
CA ALA B 181 17.01 -6.31 -4.94
C ALA B 181 17.35 -4.87 -4.55
N ARG B 182 16.81 -4.41 -3.42
CA ARG B 182 16.97 -3.00 -3.03
C ARG B 182 18.43 -2.57 -2.84
N THR B 183 19.31 -3.52 -2.57
CA THR B 183 20.72 -3.20 -2.37
C THR B 183 21.67 -4.04 -3.27
N LEU B 184 21.12 -4.67 -4.28
CA LEU B 184 21.97 -5.48 -5.16
C LEU B 184 22.26 -4.57 -6.37
N TYR B 185 23.37 -4.85 -7.03
CA TYR B 185 23.83 -4.01 -8.14
C TYR B 185 24.77 -4.91 -8.93
N PRO B 186 25.17 -4.55 -10.16
CA PRO B 186 26.12 -5.39 -10.90
C PRO B 186 27.46 -5.59 -10.20
N GLY B 187 27.86 -6.84 -10.00
CA GLY B 187 29.07 -7.11 -9.23
C GLY B 187 28.79 -7.49 -7.77
N ALA B 188 27.57 -7.24 -7.31
CA ALA B 188 27.18 -7.67 -5.94
C ALA B 188 26.99 -9.16 -6.00
N TYR B 189 27.16 -9.79 -4.84
CA TYR B 189 26.89 -11.22 -4.74
C TYR B 189 25.69 -11.44 -3.82
N VAL B 190 24.89 -12.41 -4.20
CA VAL B 190 23.77 -12.87 -3.34
C VAL B 190 23.94 -14.36 -3.13
N ALA B 191 23.92 -14.79 -1.86
CA ALA B 191 23.89 -16.23 -1.53
C ALA B 191 22.44 -16.62 -1.28
N ILE B 192 21.96 -17.58 -2.06
CA ILE B 192 20.60 -18.09 -1.87
C ILE B 192 20.80 -19.45 -1.25
N VAL B 193 20.34 -19.62 -0.02
CA VAL B 193 20.69 -20.81 0.75
C VAL B 193 19.46 -21.69 0.87
N GLY B 194 19.53 -22.91 0.28
CA GLY B 194 18.41 -23.81 0.26
C GLY B 194 17.71 -23.76 -1.06
N VAL B 195 18.02 -24.71 -1.95
CA VAL B 195 17.42 -24.75 -3.29
C VAL B 195 16.24 -25.71 -3.23
N GLY B 196 15.29 -25.34 -2.35
CA GLY B 196 14.13 -26.14 -2.08
C GLY B 196 12.90 -25.67 -2.83
N GLY B 197 11.73 -25.91 -2.26
CA GLY B 197 10.51 -25.48 -2.96
C GLY B 197 10.49 -23.98 -3.15
N LEU B 198 10.82 -23.23 -2.07
CA LEU B 198 10.96 -21.79 -2.21
C LEU B 198 12.28 -21.42 -2.94
N GLY B 199 13.39 -22.03 -2.52
CA GLY B 199 14.68 -21.62 -2.98
C GLY B 199 14.91 -21.74 -4.49
N HIS B 200 14.41 -22.81 -5.10
CA HIS B 200 14.62 -22.97 -6.55
C HIS B 200 13.87 -21.91 -7.33
N ILE B 201 12.77 -21.41 -6.76
CA ILE B 201 12.09 -20.27 -7.36
C ILE B 201 12.90 -19.03 -7.16
N ALA B 202 13.45 -18.87 -5.94
CA ALA B 202 14.26 -17.68 -5.67
C ALA B 202 15.48 -17.58 -6.60
N VAL B 203 16.10 -18.71 -6.94
CA VAL B 203 17.24 -18.66 -7.89
C VAL B 203 16.80 -17.99 -9.18
N GLN B 204 15.67 -18.43 -9.73
CA GLN B 204 15.15 -17.86 -10.97
C GLN B 204 14.82 -16.39 -10.81
N LEU B 205 14.18 -16.04 -9.71
CA LEU B 205 13.81 -14.66 -9.52
C LEU B 205 15.00 -13.72 -9.33
N LEU B 206 16.05 -14.18 -8.65
CA LEU B 206 17.26 -13.37 -8.50
C LEU B 206 17.84 -13.05 -9.88
N LYS B 207 17.76 -14.00 -10.82
CA LYS B 207 18.26 -13.71 -12.17
C LYS B 207 17.41 -12.75 -13.00
N VAL B 208 16.10 -12.80 -12.80
CA VAL B 208 15.11 -11.99 -13.48
C VAL B 208 15.08 -10.58 -12.90
N MET B 209 15.24 -10.49 -11.56
CA MET B 209 14.90 -9.27 -10.84
C MET B 209 16.13 -8.45 -10.40
N THR B 210 17.32 -9.03 -10.50
CA THR B 210 18.54 -8.32 -10.14
C THR B 210 19.65 -8.63 -11.11
N PRO B 211 20.67 -7.80 -11.13
CA PRO B 211 21.89 -8.11 -11.85
C PRO B 211 22.98 -8.75 -11.00
N ALA B 212 22.65 -9.28 -9.82
CA ALA B 212 23.66 -9.81 -8.94
C ALA B 212 24.19 -11.15 -9.39
N THR B 213 25.41 -11.44 -8.94
CA THR B 213 26.03 -12.77 -9.11
C THR B 213 25.41 -13.69 -8.06
N VAL B 214 24.85 -14.81 -8.51
CA VAL B 214 24.04 -15.68 -7.66
C VAL B 214 24.85 -16.89 -7.23
N ILE B 215 25.04 -17.07 -5.92
CA ILE B 215 25.73 -18.26 -5.37
C ILE B 215 24.65 -19.09 -4.65
N ALA B 216 24.39 -20.33 -5.10
CA ALA B 216 23.31 -21.13 -4.47
C ALA B 216 23.94 -22.20 -3.61
N LEU B 217 23.40 -22.39 -2.40
CA LEU B 217 23.91 -23.40 -1.46
C LEU B 217 22.86 -24.47 -1.21
N ASP B 218 23.31 -25.72 -1.18
CA ASP B 218 22.45 -26.81 -0.73
C ASP B 218 23.33 -27.93 -0.29
N VAL B 219 22.71 -29.04 0.09
CA VAL B 219 23.45 -30.18 0.64
C VAL B 219 23.19 -31.47 -0.12
N LYS B 220 22.49 -31.37 -1.25
CA LYS B 220 22.20 -32.56 -2.07
C LYS B 220 22.64 -32.26 -3.47
N GLU B 221 23.35 -33.18 -4.08
CA GLU B 221 23.85 -32.93 -5.44
C GLU B 221 22.79 -32.58 -6.48
N GLU B 222 21.65 -33.26 -6.43
CA GLU B 222 20.61 -33.02 -7.43
C GLU B 222 20.04 -31.59 -7.29
N LYS B 223 20.10 -31.05 -6.08
CA LYS B 223 19.61 -29.65 -5.87
C LYS B 223 20.59 -28.61 -6.35
N LEU B 224 21.88 -28.95 -6.25
CA LEU B 224 22.92 -28.11 -6.82
C LEU B 224 22.90 -28.08 -8.34
N LYS B 225 22.69 -29.25 -8.97
CA LYS B 225 22.48 -29.26 -10.41
C LYS B 225 21.23 -28.48 -10.82
N LEU B 226 20.16 -28.59 -10.03
CA LEU B 226 18.93 -27.83 -10.33
C LEU B 226 19.26 -26.34 -10.33
N ALA B 227 19.99 -25.89 -9.30
CA ALA B 227 20.37 -24.49 -9.26
C ALA B 227 21.20 -24.07 -10.46
N GLU B 228 22.14 -24.91 -10.88
CA GLU B 228 22.90 -24.65 -12.13
C GLU B 228 21.99 -24.49 -13.36
N ARG B 229 21.04 -25.39 -13.56
CA ARG B 229 20.13 -25.27 -14.70
C ARG B 229 19.27 -24.03 -14.63
N LEU B 230 19.01 -23.55 -13.41
CA LEU B 230 18.14 -22.39 -13.24
C LEU B 230 18.91 -21.09 -13.26
N GLY B 231 20.21 -21.16 -13.42
CA GLY B 231 20.99 -19.97 -13.69
C GLY B 231 21.93 -19.51 -12.61
N ALA B 232 22.12 -20.27 -11.54
CA ALA B 232 23.08 -19.85 -10.52
C ALA B 232 24.45 -19.72 -11.15
N ASP B 233 25.18 -18.67 -10.76
CA ASP B 233 26.53 -18.46 -11.29
C ASP B 233 27.53 -19.42 -10.66
N HIS B 234 27.29 -19.77 -9.41
CA HIS B 234 28.16 -20.65 -8.66
C HIS B 234 27.27 -21.45 -7.75
N VAL B 235 27.64 -22.71 -7.51
CA VAL B 235 26.93 -23.47 -6.48
C VAL B 235 27.92 -23.97 -5.46
N VAL B 236 27.41 -24.16 -4.24
CA VAL B 236 28.26 -24.54 -3.12
C VAL B 236 27.57 -25.63 -2.32
N ASP B 237 28.30 -26.73 -2.05
CA ASP B 237 27.81 -27.80 -1.20
C ASP B 237 28.07 -27.40 0.24
N ALA B 238 27.00 -27.10 0.96
CA ALA B 238 27.13 -26.55 2.31
C ALA B 238 27.38 -27.61 3.35
N ARG B 239 27.63 -28.87 2.94
CA ARG B 239 28.06 -29.85 3.93
C ARG B 239 29.56 -29.59 4.18
N ARG B 240 30.14 -28.82 3.29
CA ARG B 240 31.58 -28.68 3.17
C ARG B 240 32.05 -27.24 3.42
N ASP B 241 31.93 -26.78 4.67
CA ASP B 241 32.47 -25.43 5.05
C ASP B 241 31.92 -24.31 4.15
N PRO B 242 30.63 -24.08 4.23
CA PRO B 242 30.00 -23.12 3.32
C PRO B 242 30.58 -21.70 3.46
N VAL B 243 30.86 -21.27 4.69
CA VAL B 243 31.39 -19.91 4.87
C VAL B 243 32.75 -19.78 4.17
N LYS B 244 33.65 -20.72 4.37
CA LYS B 244 34.95 -20.63 3.69
C LYS B 244 34.83 -20.62 2.16
N GLN B 245 33.98 -21.50 1.61
CA GLN B 245 33.75 -21.54 0.16
C GLN B 245 33.20 -20.20 -0.36
N VAL B 246 32.21 -19.64 0.35
CA VAL B 246 31.66 -18.33 -0.05
C VAL B 246 32.69 -17.19 0.10
N MET B 247 33.50 -17.23 1.16
CA MET B 247 34.58 -16.25 1.31
C MET B 247 35.61 -16.34 0.17
N GLU B 248 35.97 -17.55 -0.24
CA GLU B 248 36.83 -17.70 -1.44
C GLU B 248 36.18 -17.15 -2.73
N LEU B 249 34.90 -17.43 -2.95
CA LEU B 249 34.22 -16.93 -4.14
C LEU B 249 34.16 -15.41 -4.20
N THR B 250 34.13 -14.79 -3.03
CA THR B 250 33.95 -13.36 -2.97
C THR B 250 35.22 -12.65 -2.60
N ARG B 251 36.35 -13.36 -2.66
CA ARG B 251 37.68 -12.79 -2.39
C ARG B 251 37.73 -12.12 -1.01
N GLY B 252 37.02 -12.74 -0.07
CA GLY B 252 37.03 -12.41 1.34
C GLY B 252 36.08 -11.27 1.70
N ARG B 253 35.33 -10.79 0.72
CA ARG B 253 34.43 -9.69 0.97
C ARG B 253 33.07 -10.14 1.52
N GLY B 254 32.74 -11.42 1.36
CA GLY B 254 31.40 -11.91 1.69
C GLY B 254 30.35 -11.41 0.71
N VAL B 255 29.08 -11.73 1.00
CA VAL B 255 27.98 -11.39 0.12
C VAL B 255 27.24 -10.15 0.55
N ASN B 256 26.72 -9.45 -0.43
CA ASN B 256 25.90 -8.28 -0.17
C ASN B 256 24.54 -8.65 0.44
N VAL B 257 23.99 -9.78 0.00
CA VAL B 257 22.71 -10.28 0.55
C VAL B 257 22.83 -11.80 0.67
N ALA B 258 22.43 -12.33 1.83
CA ALA B 258 22.22 -13.79 1.95
C ALA B 258 20.76 -14.02 2.23
N MET B 259 20.22 -15.13 1.72
CA MET B 259 18.79 -15.42 1.84
C MET B 259 18.67 -16.82 2.39
N ASP B 260 18.11 -16.97 3.60
CA ASP B 260 18.01 -18.31 4.19
C ASP B 260 16.63 -18.87 3.88
N PHE B 261 16.58 -19.78 2.89
CA PHE B 261 15.34 -20.50 2.53
C PHE B 261 15.33 -21.92 3.09
N VAL B 262 16.00 -22.09 4.23
CA VAL B 262 16.02 -23.38 4.95
C VAL B 262 15.46 -23.20 6.38
N GLY B 263 16.12 -22.34 7.16
CA GLY B 263 15.61 -22.02 8.48
C GLY B 263 15.99 -23.00 9.57
N SER B 264 16.82 -24.00 9.25
CA SER B 264 17.29 -24.92 10.30
C SER B 264 18.30 -24.25 11.22
N GLN B 265 18.53 -24.85 12.39
CA GLN B 265 19.65 -24.34 13.19
C GLN B 265 20.96 -24.26 12.45
N ALA B 266 21.26 -25.28 11.62
CA ALA B 266 22.51 -25.29 10.85
C ALA B 266 22.59 -24.03 9.99
N THR B 267 21.53 -23.72 9.27
CA THR B 267 21.69 -22.57 8.37
C THR B 267 21.64 -21.26 9.08
N VAL B 268 20.83 -21.18 10.12
CA VAL B 268 20.71 -19.91 10.88
C VAL B 268 22.04 -19.61 11.55
N ASP B 269 22.80 -20.65 11.81
CA ASP B 269 24.11 -20.44 12.41
C ASP B 269 25.14 -19.94 11.46
N TYR B 270 25.16 -20.45 10.23
CA TYR B 270 26.21 -20.01 9.32
C TYR B 270 25.86 -18.81 8.42
N THR B 271 24.57 -18.63 8.13
CA THR B 271 24.27 -17.60 7.14
C THR B 271 24.67 -16.17 7.54
N PRO B 272 24.58 -15.75 8.82
CA PRO B 272 25.04 -14.40 9.15
C PRO B 272 26.52 -14.22 8.84
N TYR B 273 27.32 -15.30 8.90
CA TYR B 273 28.75 -15.21 8.69
C TYR B 273 29.09 -15.14 7.20
N LEU B 274 28.08 -15.29 6.33
CA LEU B 274 28.30 -15.05 4.88
C LEU B 274 28.36 -13.56 4.51
N LEU B 275 27.86 -12.72 5.42
CA LEU B 275 27.64 -11.32 5.06
C LEU B 275 28.89 -10.47 5.03
N GLY B 276 28.98 -9.65 3.99
CA GLY B 276 30.00 -8.62 3.95
C GLY B 276 29.53 -7.35 4.62
N ARG B 277 30.32 -6.28 4.47
CA ARG B 277 29.93 -4.99 5.11
C ARG B 277 28.64 -4.44 4.54
N MET B 278 27.77 -3.99 5.44
CA MET B 278 26.41 -3.55 5.08
C MET B 278 25.55 -4.67 4.51
N GLY B 279 25.99 -5.89 4.76
CA GLY B 279 25.31 -7.07 4.25
C GLY B 279 23.94 -7.25 4.93
N ARG B 280 23.08 -7.97 4.24
CA ARG B 280 21.69 -8.17 4.71
C ARG B 280 21.36 -9.62 4.59
N LEU B 281 20.92 -10.20 5.71
CA LEU B 281 20.41 -11.57 5.70
C LEU B 281 18.89 -11.52 5.69
N ILE B 282 18.30 -12.06 4.64
CA ILE B 282 16.85 -12.14 4.56
C ILE B 282 16.45 -13.50 5.07
N ILE B 283 15.77 -13.51 6.22
CA ILE B 283 15.35 -14.76 6.87
C ILE B 283 13.93 -15.12 6.42
N VAL B 284 13.84 -16.29 5.76
CA VAL B 284 12.58 -16.78 5.21
C VAL B 284 12.26 -18.11 5.87
N GLY B 285 13.21 -19.05 5.78
CA GLY B 285 13.04 -20.30 6.54
C GLY B 285 12.99 -20.03 8.05
N TYR B 286 12.41 -20.97 8.80
CA TYR B 286 12.35 -20.80 10.25
C TYR B 286 12.40 -22.18 10.93
N GLY B 287 12.66 -22.13 12.24
CA GLY B 287 12.77 -23.32 13.08
C GLY B 287 13.93 -23.19 14.04
N GLY B 288 14.97 -22.51 13.58
CA GLY B 288 16.24 -22.32 14.28
C GLY B 288 16.23 -21.03 15.09
N GLU B 289 17.17 -20.89 16.01
CA GLU B 289 17.19 -19.66 16.80
C GLU B 289 18.35 -18.81 16.29
N LEU B 290 18.11 -17.53 15.99
CA LEU B 290 19.20 -16.66 15.55
C LEU B 290 20.09 -16.38 16.74
N ARG B 291 21.44 -16.48 16.62
CA ARG B 291 22.40 -16.20 17.70
C ARG B 291 23.68 -15.62 17.14
N PHE B 292 23.87 -14.34 17.33
CA PHE B 292 24.97 -13.67 16.67
C PHE B 292 25.47 -12.54 17.55
N PRO B 293 26.78 -12.33 17.68
CA PRO B 293 27.25 -11.26 18.58
C PRO B 293 26.89 -9.83 18.09
N THR B 294 26.33 -9.02 18.97
CA THR B 294 26.07 -7.62 18.52
C THR B 294 27.29 -6.83 18.11
N ILE B 295 28.45 -7.13 18.66
CA ILE B 295 29.64 -6.42 18.22
C ILE B 295 29.90 -6.63 16.72
N ARG B 296 29.54 -7.80 16.19
CA ARG B 296 29.64 -8.07 14.76
C ARG B 296 28.50 -7.40 14.00
N VAL B 297 27.32 -7.37 14.60
CA VAL B 297 26.15 -6.67 13.97
C VAL B 297 26.53 -5.20 13.70
N ILE B 298 27.14 -4.54 14.67
CA ILE B 298 27.46 -3.12 14.43
C ILE B 298 28.76 -2.95 13.68
N SER B 299 29.77 -3.79 13.93
CA SER B 299 31.06 -3.49 13.24
C SER B 299 31.03 -3.75 11.74
N SER B 300 30.16 -4.68 11.30
CA SER B 300 29.95 -4.88 9.86
C SER B 300 28.75 -4.11 9.34
N GLU B 301 27.97 -3.53 10.26
CA GLU B 301 26.70 -2.83 9.98
C GLU B 301 25.76 -3.69 9.15
N VAL B 302 25.49 -4.87 9.70
CA VAL B 302 24.66 -5.84 8.97
C VAL B 302 23.24 -5.80 9.51
N SER B 303 22.35 -6.38 8.73
CA SER B 303 20.94 -6.50 9.18
C SER B 303 20.43 -7.91 8.94
N PHE B 304 19.44 -8.29 9.73
CA PHE B 304 18.75 -9.56 9.64
C PHE B 304 17.27 -9.23 9.48
N GLU B 305 16.68 -9.62 8.37
CA GLU B 305 15.34 -9.09 8.02
C GLU B 305 14.40 -10.23 7.71
N GLY B 306 13.34 -10.38 8.51
CA GLY B 306 12.38 -11.41 8.19
C GLY B 306 11.56 -11.05 6.96
N SER B 307 11.07 -12.09 6.29
CA SER B 307 10.15 -11.86 5.18
C SER B 307 9.04 -12.89 5.32
N LEU B 308 7.79 -12.44 5.15
CA LEU B 308 6.60 -13.24 5.46
C LEU B 308 5.70 -13.27 4.22
N VAL B 309 5.63 -14.45 3.60
CA VAL B 309 4.73 -14.68 2.46
C VAL B 309 4.78 -13.47 1.55
N GLY B 310 3.63 -12.86 1.21
CA GLY B 310 3.68 -11.58 0.51
C GLY B 310 2.29 -11.05 0.39
N ASN B 311 2.18 -9.91 -0.29
CA ASN B 311 0.87 -9.27 -0.36
C ASN B 311 0.17 -9.60 -1.69
N TYR B 312 -1.05 -9.10 -1.84
CA TYR B 312 -1.85 -9.48 -3.02
C TYR B 312 -1.24 -8.96 -4.29
N VAL B 313 -0.76 -7.72 -4.22
CA VAL B 313 -0.13 -7.14 -5.42
C VAL B 313 1.11 -7.95 -5.84
N GLU B 314 1.90 -8.37 -4.87
CA GLU B 314 3.08 -9.19 -5.14
C GLU B 314 2.69 -10.53 -5.78
N LEU B 315 1.59 -11.16 -5.33
CA LEU B 315 1.15 -12.41 -5.98
C LEU B 315 0.76 -12.10 -7.43
N HIS B 316 0.08 -10.99 -7.63
CA HIS B 316 -0.29 -10.62 -9.00
C HIS B 316 0.93 -10.42 -9.89
N GLU B 317 1.94 -9.69 -9.40
CA GLU B 317 3.18 -9.53 -10.16
C GLU B 317 3.86 -10.87 -10.47
N LEU B 318 3.91 -11.76 -9.48
CA LEU B 318 4.55 -13.03 -9.70
C LEU B 318 3.80 -13.89 -10.73
N VAL B 319 2.45 -13.90 -10.65
CA VAL B 319 1.65 -14.59 -11.62
C VAL B 319 1.97 -14.03 -13.02
N THR B 320 2.10 -12.72 -13.14
CA THR B 320 2.49 -12.12 -14.42
C THR B 320 3.82 -12.69 -14.95
N LEU B 321 4.86 -12.74 -14.10
CA LEU B 321 6.13 -13.32 -14.51
C LEU B 321 5.98 -14.78 -14.98
N ALA B 322 5.16 -15.55 -14.27
CA ALA B 322 4.94 -16.94 -14.64
C ALA B 322 4.22 -17.05 -16.01
N LEU B 323 3.23 -16.20 -16.20
CA LEU B 323 2.48 -16.23 -17.47
C LEU B 323 3.38 -15.78 -18.62
N GLN B 324 4.36 -14.92 -18.32
CA GLN B 324 5.37 -14.51 -19.31
C GLN B 324 6.41 -15.58 -19.62
N GLY B 325 6.40 -16.67 -18.83
CA GLY B 325 7.36 -17.73 -18.99
C GLY B 325 8.71 -17.46 -18.37
N LYS B 326 8.78 -16.49 -17.45
CA LYS B 326 10.06 -16.05 -16.88
C LYS B 326 10.39 -16.75 -15.56
N VAL B 327 9.42 -17.45 -15.01
CA VAL B 327 9.63 -18.28 -13.86
C VAL B 327 8.78 -19.52 -14.05
N ARG B 328 9.35 -20.66 -13.71
CA ARG B 328 8.65 -21.93 -13.80
C ARG B 328 9.03 -22.84 -12.64
N VAL B 329 8.04 -23.43 -12.01
CA VAL B 329 8.28 -24.23 -10.82
C VAL B 329 8.55 -25.65 -11.26
N GLU B 330 9.57 -26.25 -10.63
CA GLU B 330 9.86 -27.66 -10.74
C GLU B 330 8.90 -28.43 -9.83
N VAL B 331 7.99 -29.18 -10.45
CA VAL B 331 6.93 -29.84 -9.69
C VAL B 331 7.01 -31.36 -9.73
N ASP B 332 6.69 -31.95 -8.59
CA ASP B 332 6.59 -33.36 -8.37
C ASP B 332 5.10 -33.68 -8.03
N ILE B 333 4.36 -34.20 -9.01
CA ILE B 333 2.91 -34.35 -8.87
C ILE B 333 2.55 -35.69 -8.29
N HIS B 334 1.72 -35.66 -7.26
CA HIS B 334 1.22 -36.84 -6.58
C HIS B 334 -0.27 -36.72 -6.29
N LYS B 335 -0.91 -37.84 -5.97
CA LYS B 335 -2.30 -37.79 -5.59
C LYS B 335 -2.48 -37.34 -4.15
N LEU B 336 -3.62 -36.72 -3.86
CA LEU B 336 -3.94 -36.30 -2.49
C LEU B 336 -3.66 -37.41 -1.47
N ASP B 337 -4.03 -38.65 -1.79
CA ASP B 337 -3.90 -39.65 -0.75
C ASP B 337 -2.47 -40.16 -0.55
N GLU B 338 -1.53 -39.63 -1.33
CA GLU B 338 -0.11 -39.85 -1.09
C GLU B 338 0.50 -38.84 -0.12
N ILE B 339 -0.30 -37.96 0.47
CA ILE B 339 0.23 -36.90 1.31
C ILE B 339 1.28 -37.30 2.34
N ASN B 340 1.03 -38.39 3.08
CA ASN B 340 1.99 -38.77 4.11
C ASN B 340 3.30 -39.30 3.57
N ASP B 341 3.26 -40.07 2.49
CA ASP B 341 4.49 -40.46 1.81
C ASP B 341 5.26 -39.22 1.31
N VAL B 342 4.54 -38.23 0.79
CA VAL B 342 5.22 -37.02 0.31
C VAL B 342 5.88 -36.24 1.44
N LEU B 343 5.18 -36.11 2.57
CA LEU B 343 5.73 -35.44 3.75
C LEU B 343 6.97 -36.17 4.27
N GLU B 344 6.92 -37.52 4.27
CA GLU B 344 8.13 -38.28 4.60
C GLU B 344 9.31 -37.96 3.65
N ARG B 345 9.06 -37.96 2.35
CA ARG B 345 10.12 -37.65 1.38
C ARG B 345 10.66 -36.23 1.62
N LEU B 346 9.74 -35.31 1.83
CA LEU B 346 10.16 -33.91 2.06
C LEU B 346 11.06 -33.79 3.27
N GLU B 347 10.71 -34.47 4.37
CA GLU B 347 11.52 -34.42 5.60
C GLU B 347 12.93 -34.94 5.30
N LYS B 348 13.02 -35.89 4.36
CA LYS B 348 14.32 -36.52 4.01
C LYS B 348 15.10 -35.81 2.91
N GLY B 349 14.54 -34.71 2.39
CA GLY B 349 15.23 -33.95 1.38
C GLY B 349 15.15 -34.61 0.02
N GLU B 350 14.13 -35.45 -0.19
CA GLU B 350 13.95 -36.21 -1.43
C GLU B 350 12.94 -35.67 -2.43
N VAL B 351 12.50 -34.43 -2.26
CA VAL B 351 11.62 -33.79 -3.24
C VAL B 351 12.45 -32.79 -4.02
N LEU B 352 12.57 -33.02 -5.32
CA LEU B 352 13.20 -32.06 -6.20
C LEU B 352 12.18 -30.96 -6.56
N GLY B 353 12.43 -29.75 -6.05
CA GLY B 353 11.49 -28.65 -6.26
C GLY B 353 10.33 -28.74 -5.27
N ARG B 354 9.11 -28.78 -5.80
CA ARG B 354 7.90 -28.71 -5.00
C ARG B 354 6.96 -29.84 -5.35
N ALA B 355 6.49 -30.53 -4.32
CA ALA B 355 5.46 -31.55 -4.52
C ALA B 355 4.11 -30.86 -4.56
N VAL B 356 3.25 -31.29 -5.48
CA VAL B 356 1.89 -30.70 -5.62
C VAL B 356 0.93 -31.90 -5.68
N LEU B 357 -0.13 -31.85 -4.88
CA LEU B 357 -1.17 -32.91 -4.80
C LEU B 357 -2.36 -32.57 -5.65
N ILE B 358 -2.88 -33.57 -6.36
CA ILE B 358 -4.03 -33.38 -7.22
C ILE B 358 -5.12 -34.36 -6.83
N PRO B 359 -6.37 -34.03 -7.14
CA PRO B 359 -7.45 -35.00 -6.98
C PRO B 359 -7.27 -36.20 -7.92
C1 OCA C . -9.21 18.82 -4.83
C2 OCA C . -8.81 18.44 -6.26
C3 OCA C . -9.03 16.94 -6.49
C4 OCA C . -9.17 16.58 -7.97
C5 OCA C . -9.25 15.06 -8.08
C6 OCA C . -8.77 14.56 -9.45
C7 OCA C . -9.09 13.07 -9.60
C8 OCA C . -8.14 12.34 -10.54
O1 OCA C . -9.37 20.05 -4.55
O2 OCA C . -9.44 17.90 -3.99
PA NAJ D . -6.04 29.46 -1.67
O1A NAJ D . -6.79 30.43 -2.59
O2A NAJ D . -6.54 29.33 -0.23
O5B NAJ D . -4.53 29.83 -1.53
C5B NAJ D . -3.72 30.30 -2.60
C4B NAJ D . -2.60 31.09 -1.95
O4B NAJ D . -1.70 31.49 -2.96
C3B NAJ D . -3.08 32.42 -1.29
O3B NAJ D . -2.63 32.52 0.05
C2B NAJ D . -2.58 33.47 -2.26
O2B NAJ D . -2.41 34.78 -1.72
C1B NAJ D . -1.29 32.84 -2.73
N9A NAJ D . -0.80 33.40 -3.98
C8A NAJ D . -1.49 33.90 -5.06
N7A NAJ D . -0.59 34.27 -5.99
C5A NAJ D . 0.67 34.01 -5.52
C6A NAJ D . 1.95 34.20 -6.02
N6A NAJ D . 2.18 34.76 -7.23
N1A NAJ D . 3.05 33.81 -5.28
C2A NAJ D . 2.84 33.29 -4.01
N3A NAJ D . 1.61 33.10 -3.50
C4A NAJ D . 0.52 33.45 -4.25
O3 NAJ D . -6.09 28.06 -2.45
PN NAJ D . -6.12 26.57 -1.83
O1N NAJ D . -7.53 26.20 -1.58
O2N NAJ D . -5.07 26.49 -0.80
O5D NAJ D . -5.65 25.76 -3.13
C5D NAJ D . -4.32 25.94 -3.59
C4D NAJ D . -4.12 25.29 -4.98
O4D NAJ D . -4.18 23.86 -4.80
C3D NAJ D . -5.29 25.57 -5.95
O3D NAJ D . -4.76 25.59 -7.26
C2D NAJ D . -6.24 24.41 -5.75
O2D NAJ D . -7.13 24.20 -6.81
C1D NAJ D . -5.19 23.31 -5.63
N1N NAJ D . -5.64 22.02 -5.07
C2N NAJ D . -4.88 20.94 -5.42
C3N NAJ D . -5.15 19.71 -4.85
C7N NAJ D . -4.35 18.52 -5.31
O7N NAJ D . -4.73 17.36 -4.81
N7N NAJ D . -3.34 18.63 -6.16
C4N NAJ D . -6.16 19.53 -3.85
C5N NAJ D . -6.81 20.71 -3.39
C6N NAJ D . -6.52 21.92 -3.99
ZN ZN E . -10.06 20.81 -2.90
ZN ZN F . -15.34 35.36 8.31
ZN ZN G . -10.14 0.87 -6.56
C1 OCA H . 3.87 -20.50 5.16
C2 OCA H . 4.16 -19.93 6.55
C3 OCA H . 3.23 -18.73 6.86
C4 OCA H . 3.16 -18.34 8.32
C5 OCA H . 2.08 -17.28 8.50
C6 OCA H . 2.11 -16.68 9.91
C7 OCA H . 1.12 -15.54 10.12
C8 OCA H . 1.24 -15.03 11.54
O1 OCA H . 4.40 -21.59 4.79
O2 OCA H . 3.14 -19.87 4.36
PA NAJ I . 12.21 -27.52 1.37
O1A NAJ I . 12.25 -28.70 2.29
O2A NAJ I . 11.59 -27.70 -0.04
O5B NAJ I . 13.66 -26.97 1.03
C5B NAJ I . 14.71 -26.88 2.02
C4B NAJ I . 15.99 -26.95 1.22
O4B NAJ I . 17.07 -26.67 2.13
C3B NAJ I . 16.23 -28.31 0.55
O3B NAJ I . 16.59 -28.18 -0.83
C2B NAJ I . 17.37 -28.81 1.44
O2B NAJ I . 18.21 -29.78 0.80
C1B NAJ I . 18.14 -27.54 1.80
N9A NAJ I . 18.99 -27.64 2.98
C8A NAJ I . 18.84 -28.40 4.15
N7A NAJ I . 19.88 -28.15 4.99
C5A NAJ I . 20.71 -27.26 4.36
C6A NAJ I . 21.89 -26.65 4.72
N6A NAJ I . 22.53 -26.91 5.87
N1A NAJ I . 22.43 -25.72 3.87
C2A NAJ I . 21.87 -25.44 2.64
N3A NAJ I . 20.72 -26.05 2.29
C4A NAJ I . 20.15 -26.95 3.13
O3 NAJ I . 11.48 -26.36 2.17
PN NAJ I . 10.53 -25.19 1.62
O1N NAJ I . 9.14 -25.64 1.56
O2N NAJ I . 11.14 -24.56 0.43
O5D NAJ I . 10.57 -24.20 2.89
C5D NAJ I . 11.81 -23.56 3.19
C4D NAJ I . 11.71 -22.92 4.56
O4D NAJ I . 10.87 -21.76 4.45
C3D NAJ I . 11.05 -23.80 5.62
O3D NAJ I . 11.56 -23.41 6.91
C2D NAJ I . 9.57 -23.37 5.53
O2D NAJ I . 8.80 -23.64 6.66
C1D NAJ I . 9.79 -21.86 5.34
N1N NAJ I . 8.67 -21.05 4.84
C2N NAJ I . 8.68 -19.74 5.19
C3N NAJ I . 7.70 -18.89 4.71
C7N NAJ I . 7.68 -17.47 5.14
O7N NAJ I . 6.64 -16.74 4.70
N7N NAJ I . 8.63 -16.87 5.87
C4N NAJ I . 6.68 -19.34 3.81
C5N NAJ I . 6.84 -20.68 3.35
C6N NAJ I . 7.79 -21.52 3.89
ZN ZN J . 4.12 -22.66 3.20
ZN ZN K . -7.27 -6.24 7.40
#